data_6L2H
#
_entry.id   6L2H
#
_cell.length_a   65.939
_cell.length_b   78.448
_cell.length_c   135.808
_cell.angle_alpha   90.000
_cell.angle_beta   90.000
_cell.angle_gamma   90.000
#
_symmetry.space_group_name_H-M   'P 21 21 21'
#
loop_
_entity.id
_entity.type
_entity.pdbx_description
1 polymer 'Alpha-cyclodextrin glucanotransferase'
2 non-polymer 'CALCIUM ION'
3 water water
#
_entity_poly.entity_id   1
_entity_poly.type   'polypeptide(L)'
_entity_poly.pdbx_seq_one_letter_code
;SPDTSVDNKVNFSTDVIYQIVTDRFADGDRTNNPAGDAFSGDRSNLKLYFGGDWQGIIDKINDGYLTGMGVTALWISQPV
ENITSVIKYSGVNNTSYHGYWARDFKQTNDAFGDFADFQNLIDTAHAHNIKVVIDFAPNHTSPADRDNPGFAENGALYDN
GSLLGAHSNDTAGLFHHNGGTDFSTIEDGIYKNLYDLADINHNNNAMDAYFKSAIDLWLGMGVDGIRFDAVKHMPFGWQK
SFVSSIYGGDHPVFTFGEWYLGADQTDGDNIKFANESGMNLLDFEYAQEVREVFRDKTETMKDLYEVLASTESQYDYINN
MVTFIDNHDMDRFQVAGSGTRATEQALALTLTSRGVPAIYYGTEQYMTGDGDPNNRAMMTSFNTGTTAYKVIQALAPLRK
SNPAIAYGTTTERWVNNDVLIIERKFGSSAALVAINRNSSAAYPISGLLSSLPAGTYSDVLNGLLNGNSITVGSGGATTN
FTLAAGGTAVWQYTAPETSPAIGNVGPTMGQPGNIVTIDGRGFGGTAGTVYFGTTVVTGSGIVSWEDTQIKAVIPKVAAG
KTGVSVKTSSGTASNTFKSFNVLTGDQVTMRFLVNQANTNYGTNVYLVGNAAELGSWDPNKAIGPMYNQVIAKYPSWYYD
VSVPAGTKLDFKFIKKGGGTVTWEGGGNHTYTTPASSVGTVTVDWQN
;
_entity_poly.pdbx_strand_id   A
#
loop_
_chem_comp.id
_chem_comp.type
_chem_comp.name
_chem_comp.formula
CA non-polymer 'CALCIUM ION' 'Ca 2'
#
# COMPACT_ATOMS: atom_id res chain seq x y z
N SER A 1 -17.50 -10.10 -11.04
CA SER A 1 -17.06 -10.50 -12.37
C SER A 1 -16.26 -9.44 -13.13
N PRO A 2 -16.77 -8.19 -13.27
CA PRO A 2 -15.92 -7.23 -14.00
C PRO A 2 -14.80 -6.63 -13.15
N ASP A 3 -13.96 -5.80 -13.76
CA ASP A 3 -12.82 -5.22 -13.07
C ASP A 3 -13.25 -4.39 -11.85
N THR A 4 -14.44 -3.82 -11.93
CA THR A 4 -14.95 -2.94 -10.88
C THR A 4 -15.65 -3.66 -9.73
N SER A 5 -15.79 -4.96 -9.84
CA SER A 5 -16.55 -5.73 -8.85
C SER A 5 -15.88 -5.72 -7.48
N VAL A 6 -16.70 -5.81 -6.44
CA VAL A 6 -16.21 -5.88 -5.07
C VAL A 6 -15.43 -7.19 -4.88
N ASP A 7 -15.70 -8.16 -5.77
CA ASP A 7 -15.02 -9.45 -5.76
C ASP A 7 -13.56 -9.40 -6.19
N ASN A 8 -13.15 -8.27 -6.75
CA ASN A 8 -11.78 -8.10 -7.23
C ASN A 8 -10.86 -7.67 -6.08
N LYS A 9 -10.28 -8.65 -5.38
CA LYS A 9 -9.50 -8.39 -4.17
C LYS A 9 -8.11 -7.86 -4.47
N VAL A 10 -7.69 -8.07 -5.70
CA VAL A 10 -6.28 -7.98 -6.02
C VAL A 10 -5.90 -6.61 -6.60
N ASN A 11 -6.84 -5.95 -7.26
CA ASN A 11 -6.61 -4.64 -7.86
C ASN A 11 -7.55 -3.56 -7.31
N PHE A 12 -6.99 -2.41 -6.94
CA PHE A 12 -7.76 -1.40 -6.21
C PHE A 12 -7.85 -0.02 -6.89
N SER A 13 -7.29 0.17 -8.08
CA SER A 13 -7.27 1.52 -8.64
C SER A 13 -8.65 2.02 -9.09
N THR A 14 -9.65 1.14 -9.14
CA THR A 14 -11.02 1.59 -9.41
C THR A 14 -11.75 1.94 -8.13
N ASP A 15 -11.07 1.77 -7.00
CA ASP A 15 -11.66 2.01 -5.68
C ASP A 15 -11.27 3.34 -5.04
N VAL A 16 -12.06 3.73 -4.05
CA VAL A 16 -11.70 4.81 -3.14
C VAL A 16 -11.74 4.26 -1.71
N ILE A 17 -10.59 4.25 -1.06
CA ILE A 17 -10.43 3.74 0.30
C ILE A 17 -10.79 4.81 1.32
N TYR A 18 -11.55 4.42 2.35
CA TYR A 18 -11.85 5.30 3.49
C TYR A 18 -11.16 4.72 4.71
N GLN A 19 -10.16 5.43 5.22
CA GLN A 19 -9.35 4.91 6.32
C GLN A 19 -9.95 5.24 7.69
N ILE A 20 -10.32 4.18 8.40
CA ILE A 20 -10.94 4.32 9.70
C ILE A 20 -10.02 3.89 10.83
N VAL A 21 -9.79 4.79 11.78
CA VAL A 21 -9.22 4.39 13.07
C VAL A 21 -10.40 3.90 13.92
N THR A 22 -10.51 2.58 14.05
CA THR A 22 -11.75 1.96 14.50
C THR A 22 -12.30 2.51 15.81
N ASP A 23 -11.43 2.78 16.77
CA ASP A 23 -11.86 3.24 18.09
C ASP A 23 -12.42 4.65 18.03
N ARG A 24 -12.09 5.38 16.98
CA ARG A 24 -12.42 6.79 16.91
C ARG A 24 -13.50 7.11 15.88
N PHE A 25 -14.16 6.08 15.35
CA PHE A 25 -15.17 6.33 14.32
C PHE A 25 -16.60 6.33 14.90
N ALA A 26 -17.12 5.16 15.29
CA ALA A 26 -18.45 5.11 15.90
C ALA A 26 -18.60 3.95 16.91
N ASP A 27 -19.06 4.28 18.11
CA ASP A 27 -19.33 3.29 19.15
C ASP A 27 -20.70 2.68 18.94
N GLY A 28 -20.77 1.61 18.16
CA GLY A 28 -22.04 0.98 17.84
C GLY A 28 -22.51 -0.02 18.87
N ASP A 29 -21.62 -0.37 19.80
CA ASP A 29 -21.92 -1.37 20.83
C ASP A 29 -21.19 -0.97 22.10
N ARG A 30 -21.92 -0.38 23.04
CA ARG A 30 -21.29 0.08 24.28
C ARG A 30 -20.93 -1.09 25.20
N THR A 31 -21.49 -2.26 24.93
CA THR A 31 -21.27 -3.42 25.80
C THR A 31 -19.87 -4.02 25.64
N ASN A 32 -19.17 -3.68 24.57
CA ASN A 32 -17.79 -4.15 24.42
C ASN A 32 -16.77 -3.07 24.78
N ASN A 33 -17.24 -1.97 25.35
CA ASN A 33 -16.33 -0.90 25.76
C ASN A 33 -15.43 -1.32 26.91
N PRO A 34 -14.14 -1.01 26.79
CA PRO A 34 -13.25 -1.19 27.94
C PRO A 34 -13.69 -0.26 29.07
N ALA A 35 -13.22 -0.49 30.27
CA ALA A 35 -13.65 0.33 31.40
C ALA A 35 -12.48 0.83 32.20
N GLY A 36 -12.78 1.60 33.24
CA GLY A 36 -11.77 2.03 34.19
C GLY A 36 -10.73 2.92 33.56
N ASP A 37 -9.47 2.70 33.95
CA ASP A 37 -8.37 3.53 33.47
C ASP A 37 -8.10 3.37 31.99
N ALA A 38 -8.70 2.35 31.37
CA ALA A 38 -8.47 2.08 29.94
C ALA A 38 -9.47 2.81 29.04
N PHE A 39 -10.47 3.44 29.65
CA PHE A 39 -11.57 4.04 28.88
C PHE A 39 -11.72 5.53 29.18
N SER A 40 -11.94 6.34 28.15
CA SER A 40 -12.14 7.77 28.36
C SER A 40 -13.57 8.19 28.04
N GLY A 41 -14.41 8.19 29.07
CA GLY A 41 -15.81 8.55 28.92
C GLY A 41 -16.00 9.97 28.43
N ASP A 42 -15.14 10.88 28.85
CA ASP A 42 -15.28 12.29 28.51
C ASP A 42 -14.34 12.67 27.37
N ARG A 43 -13.63 11.67 26.84
CA ARG A 43 -12.72 11.84 25.70
C ARG A 43 -11.69 12.94 25.92
N SER A 44 -11.17 13.03 27.14
CA SER A 44 -10.15 14.01 27.48
C SER A 44 -8.73 13.48 27.29
N ASN A 45 -8.60 12.15 27.29
CA ASN A 45 -7.31 11.50 27.06
C ASN A 45 -7.35 10.69 25.79
N LEU A 46 -6.75 11.24 24.73
CA LEU A 46 -6.81 10.65 23.40
C LEU A 46 -5.95 9.38 23.24
N LYS A 47 -5.39 8.88 24.34
CA LYS A 47 -4.60 7.64 24.30
C LYS A 47 -5.36 6.47 24.94
N LEU A 48 -6.55 6.74 25.45
CA LEU A 48 -7.42 5.70 25.99
C LEU A 48 -8.42 5.26 24.93
N TYR A 49 -9.09 4.14 25.16
CA TYR A 49 -10.17 3.70 24.29
C TYR A 49 -11.37 4.64 24.38
N PHE A 50 -11.89 5.07 23.23
CA PHE A 50 -13.09 5.89 23.20
C PHE A 50 -14.33 5.02 23.01
N GLY A 51 -14.16 3.84 22.42
CA GLY A 51 -15.26 2.91 22.28
C GLY A 51 -15.73 2.59 20.86
N GLY A 52 -15.12 3.20 19.85
CA GLY A 52 -15.47 2.91 18.47
C GLY A 52 -15.21 1.46 18.11
N ASP A 53 -16.14 0.84 17.37
CA ASP A 53 -16.08 -0.61 17.15
C ASP A 53 -16.60 -0.99 15.77
N TRP A 54 -16.66 -2.29 15.49
CA TRP A 54 -17.06 -2.74 14.16
C TRP A 54 -18.56 -2.54 13.93
N GLN A 55 -19.36 -2.69 14.97
CA GLN A 55 -20.77 -2.41 14.87
C GLN A 55 -21.02 -0.99 14.41
N GLY A 56 -20.20 -0.07 14.92
CA GLY A 56 -20.31 1.32 14.53
C GLY A 56 -20.06 1.48 13.05
N ILE A 57 -19.01 0.83 12.55
CA ILE A 57 -18.71 0.87 11.12
C ILE A 57 -19.86 0.28 10.30
N ILE A 58 -20.37 -0.87 10.75
CA ILE A 58 -21.51 -1.51 10.12
C ILE A 58 -22.69 -0.56 10.03
N ASP A 59 -22.98 0.14 11.13
CA ASP A 59 -24.07 1.12 11.17
C ASP A 59 -23.93 2.22 10.13
N LYS A 60 -22.71 2.72 9.93
CA LYS A 60 -22.49 3.83 9.00
C LYS A 60 -22.44 3.35 7.55
N ILE A 61 -22.33 2.03 7.37
CA ILE A 61 -22.54 1.43 6.06
C ILE A 61 -24.04 1.34 5.80
N ASN A 62 -24.77 0.78 6.77
CA ASN A 62 -26.20 0.54 6.61
C ASN A 62 -27.05 1.80 6.54
N ASP A 63 -26.66 2.86 7.25
CA ASP A 63 -27.48 4.07 7.28
C ASP A 63 -27.12 5.03 6.15
N GLY A 64 -26.17 4.62 5.32
CA GLY A 64 -25.85 5.33 4.09
C GLY A 64 -24.76 6.38 4.17
N TYR A 65 -24.19 6.61 5.36
CA TYR A 65 -23.15 7.62 5.47
C TYR A 65 -21.97 7.28 4.56
N LEU A 66 -21.42 6.09 4.73
CA LEU A 66 -20.25 5.69 3.97
C LEU A 66 -20.61 5.37 2.52
N THR A 67 -21.64 4.58 2.31
CA THR A 67 -22.03 4.18 0.96
C THR A 67 -22.46 5.37 0.11
N GLY A 68 -23.14 6.33 0.72
CA GLY A 68 -23.60 7.51 0.02
C GLY A 68 -22.47 8.42 -0.41
N MET A 69 -21.32 8.26 0.25
CA MET A 69 -20.16 9.08 -0.06
C MET A 69 -19.49 8.57 -1.33
N GLY A 70 -19.78 7.32 -1.66
CA GLY A 70 -19.21 6.71 -2.84
C GLY A 70 -17.89 5.99 -2.58
N VAL A 71 -17.52 5.82 -1.31
CA VAL A 71 -16.30 5.07 -1.02
C VAL A 71 -16.59 3.59 -1.26
N THR A 72 -15.57 2.84 -1.67
CA THR A 72 -15.78 1.45 -2.06
C THR A 72 -14.83 0.48 -1.35
N ALA A 73 -14.11 1.00 -0.36
CA ALA A 73 -13.24 0.17 0.45
C ALA A 73 -12.98 0.83 1.80
N LEU A 74 -12.99 0.02 2.86
CA LEU A 74 -12.66 0.49 4.20
C LEU A 74 -11.32 -0.09 4.63
N TRP A 75 -10.45 0.78 5.14
CA TRP A 75 -9.16 0.36 5.68
C TRP A 75 -9.20 0.62 7.17
N ILE A 76 -9.16 -0.44 7.95
CA ILE A 76 -9.42 -0.40 9.38
C ILE A 76 -8.23 -0.78 10.27
N SER A 77 -8.33 -0.46 11.56
CA SER A 77 -7.26 -0.78 12.50
C SER A 77 -7.07 -2.29 12.56
N GLN A 78 -5.87 -2.72 12.92
CA GLN A 78 -5.59 -4.14 13.05
C GLN A 78 -6.63 -4.76 13.97
N PRO A 79 -7.31 -5.82 13.50
CA PRO A 79 -8.46 -6.42 14.16
C PRO A 79 -8.09 -7.38 15.30
N VAL A 80 -6.82 -7.72 15.43
CA VAL A 80 -6.43 -8.82 16.32
C VAL A 80 -6.34 -8.43 17.78
N GLU A 81 -6.37 -9.45 18.63
CA GLU A 81 -6.28 -9.27 20.07
C GLU A 81 -5.01 -8.53 20.45
N ASN A 82 -5.22 -7.45 21.20
CA ASN A 82 -4.17 -6.57 21.68
C ASN A 82 -3.99 -6.65 23.18
N ILE A 83 -2.95 -6.07 23.72
CA ILE A 83 -2.81 -6.12 25.17
C ILE A 83 -3.92 -5.27 25.78
N THR A 84 -4.26 -5.58 27.02
CA THR A 84 -5.36 -4.88 27.68
C THR A 84 -4.87 -4.11 28.89
N SER A 85 -3.56 -4.06 29.07
CA SER A 85 -2.97 -3.36 30.20
C SER A 85 -2.79 -1.88 29.88
N VAL A 86 -2.90 -1.05 30.90
CA VAL A 86 -2.67 0.37 30.75
C VAL A 86 -1.23 0.72 31.09
N ILE A 87 -0.60 1.50 30.23
CA ILE A 87 0.79 1.85 30.36
C ILE A 87 0.99 3.35 30.54
N LYS A 88 1.74 3.76 31.54
CA LYS A 88 1.93 5.17 31.81
C LYS A 88 3.12 5.72 31.02
N TYR A 89 2.88 6.10 29.77
CA TYR A 89 3.94 6.70 28.97
C TYR A 89 3.94 8.20 29.15
N SER A 90 5.09 8.74 29.58
CA SER A 90 5.27 10.18 29.74
C SER A 90 4.19 10.81 30.60
N GLY A 91 3.92 10.20 31.75
CA GLY A 91 2.99 10.79 32.70
C GLY A 91 1.53 10.61 32.32
N VAL A 92 1.28 9.97 31.19
CA VAL A 92 -0.08 9.80 30.68
C VAL A 92 -0.42 8.33 30.41
N ASN A 93 -1.58 7.88 30.89
CA ASN A 93 -2.04 6.52 30.61
C ASN A 93 -2.34 6.26 29.14
N ASN A 94 -1.72 5.24 28.58
CA ASN A 94 -1.88 4.85 27.19
C ASN A 94 -2.52 3.47 27.06
N THR A 95 -3.29 3.24 26.02
CA THR A 95 -3.85 1.92 25.76
C THR A 95 -3.54 1.46 24.34
N SER A 96 -3.97 0.24 24.04
CA SER A 96 -3.88 -0.33 22.70
C SER A 96 -5.00 0.08 21.75
N TYR A 97 -5.65 1.22 22.01
CA TYR A 97 -6.81 1.66 21.20
C TYR A 97 -6.51 1.61 19.70
N HIS A 98 -5.24 1.78 19.37
CA HIS A 98 -4.79 1.91 17.99
C HIS A 98 -4.63 0.57 17.30
N GLY A 99 -4.66 -0.51 18.07
CA GLY A 99 -4.60 -1.85 17.51
C GLY A 99 -3.20 -2.37 17.18
N TYR A 100 -2.17 -1.58 17.46
CA TYR A 100 -0.81 -1.93 17.03
C TYR A 100 -0.02 -2.79 18.03
N TRP A 101 -0.61 -3.06 19.19
CA TRP A 101 0.08 -3.82 20.24
C TRP A 101 -0.49 -5.23 20.38
N ALA A 102 -0.27 -6.07 19.38
CA ALA A 102 -0.92 -7.38 19.33
C ALA A 102 -0.45 -8.32 20.44
N ARG A 103 -1.33 -9.19 20.86
CA ARG A 103 -1.03 -10.21 21.81
C ARG A 103 -1.41 -11.57 21.27
N ASP A 104 -2.35 -11.63 20.35
CA ASP A 104 -2.77 -12.89 19.72
C ASP A 104 -3.33 -12.60 18.34
N PHE A 105 -2.57 -12.93 17.30
CA PHE A 105 -2.95 -12.59 15.93
C PHE A 105 -4.05 -13.50 15.37
N LYS A 106 -4.52 -14.45 16.18
CA LYS A 106 -5.59 -15.34 15.75
C LYS A 106 -6.90 -15.13 16.51
N GLN A 107 -6.95 -14.07 17.31
CA GLN A 107 -8.16 -13.70 18.03
C GLN A 107 -8.49 -12.23 17.77
N THR A 108 -9.73 -11.84 18.02
CA THR A 108 -10.12 -10.45 17.85
C THR A 108 -9.82 -9.57 19.05
N ASN A 109 -9.69 -8.28 18.81
CA ASN A 109 -9.74 -7.28 19.87
C ASN A 109 -11.20 -7.12 20.29
N ASP A 110 -11.55 -7.62 21.47
CA ASP A 110 -12.95 -7.70 21.87
C ASP A 110 -13.58 -6.32 22.04
N ALA A 111 -12.74 -5.29 22.18
CA ALA A 111 -13.24 -3.92 22.16
C ALA A 111 -13.86 -3.58 20.80
N PHE A 112 -13.31 -4.15 19.73
CA PHE A 112 -13.86 -3.90 18.39
C PHE A 112 -15.05 -4.81 18.10
N GLY A 113 -14.99 -6.04 18.62
CA GLY A 113 -16.08 -7.00 18.47
C GLY A 113 -15.56 -8.43 18.57
N ASP A 114 -16.45 -9.41 18.41
CA ASP A 114 -16.03 -10.81 18.33
C ASP A 114 -15.94 -11.25 16.88
N PHE A 115 -15.64 -12.52 16.65
CA PHE A 115 -15.47 -13.00 15.28
C PHE A 115 -16.75 -12.90 14.46
N ALA A 116 -17.90 -13.10 15.10
CA ALA A 116 -19.18 -12.94 14.40
C ALA A 116 -19.40 -11.48 13.98
N ASP A 117 -19.01 -10.55 14.86
CA ASP A 117 -19.04 -9.13 14.53
C ASP A 117 -18.17 -8.84 13.32
N PHE A 118 -16.98 -9.43 13.30
CA PHE A 118 -16.06 -9.17 12.19
C PHE A 118 -16.63 -9.74 10.88
N GLN A 119 -17.20 -10.95 10.95
CA GLN A 119 -17.82 -11.54 9.77
C GLN A 119 -18.99 -10.67 9.31
N ASN A 120 -19.76 -10.16 10.28
CA ASN A 120 -20.85 -9.25 9.97
C ASN A 120 -20.36 -8.01 9.23
N LEU A 121 -19.21 -7.48 9.65
CA LEU A 121 -18.61 -6.33 8.96
C LEU A 121 -18.21 -6.70 7.53
N ILE A 122 -17.54 -7.84 7.36
CA ILE A 122 -17.15 -8.30 6.02
C ILE A 122 -18.37 -8.48 5.11
N ASP A 123 -19.40 -9.17 5.61
CA ASP A 123 -20.57 -9.44 4.77
C ASP A 123 -21.37 -8.16 4.49
N THR A 124 -21.49 -7.28 5.48
CA THR A 124 -22.24 -6.04 5.29
C THR A 124 -21.53 -5.16 4.26
N ALA A 125 -20.21 -5.04 4.39
CA ALA A 125 -19.43 -4.27 3.43
C ALA A 125 -19.55 -4.85 2.01
N HIS A 126 -19.38 -6.17 1.90
CA HIS A 126 -19.42 -6.81 0.58
C HIS A 126 -20.79 -6.70 -0.06
N ALA A 127 -21.85 -6.82 0.72
CA ALA A 127 -23.21 -6.67 0.21
C ALA A 127 -23.42 -5.27 -0.38
N HIS A 128 -22.75 -4.28 0.21
CA HIS A 128 -22.83 -2.91 -0.27
C HIS A 128 -21.71 -2.58 -1.27
N ASN A 129 -21.06 -3.61 -1.80
CA ASN A 129 -19.96 -3.45 -2.78
C ASN A 129 -18.76 -2.71 -2.24
N ILE A 130 -18.51 -2.88 -0.94
CA ILE A 130 -17.38 -2.26 -0.26
C ILE A 130 -16.34 -3.31 0.15
N LYS A 131 -15.08 -3.10 -0.21
CA LYS A 131 -13.99 -4.00 0.18
C LYS A 131 -13.47 -3.65 1.55
N VAL A 132 -12.82 -4.60 2.20
CA VAL A 132 -12.28 -4.35 3.53
C VAL A 132 -10.79 -4.66 3.59
N VAL A 133 -10.04 -3.68 4.08
CA VAL A 133 -8.60 -3.79 4.24
C VAL A 133 -8.26 -3.73 5.72
N ILE A 134 -7.45 -4.65 6.20
CA ILE A 134 -7.02 -4.59 7.59
C ILE A 134 -5.55 -4.24 7.73
N ASP A 135 -5.23 -3.45 8.76
CA ASP A 135 -3.86 -3.33 9.25
C ASP A 135 -3.40 -4.71 9.70
N PHE A 136 -2.14 -5.02 9.46
CA PHE A 136 -1.55 -6.26 9.93
C PHE A 136 -0.11 -5.95 10.33
N ALA A 137 0.25 -6.27 11.57
CA ALA A 137 1.51 -5.80 12.12
C ALA A 137 2.42 -6.92 12.64
N PRO A 138 3.02 -7.70 11.71
CA PRO A 138 3.86 -8.83 12.12
C PRO A 138 5.27 -8.45 12.56
N ASN A 139 5.59 -7.16 12.61
CA ASN A 139 6.91 -6.77 13.08
C ASN A 139 7.11 -7.02 14.58
N HIS A 140 6.03 -6.94 15.35
CA HIS A 140 6.15 -6.91 16.80
C HIS A 140 4.88 -7.34 17.52
N THR A 141 4.98 -7.52 18.84
CA THR A 141 3.80 -7.71 19.67
C THR A 141 3.45 -6.41 20.36
N SER A 142 4.02 -6.19 21.55
CA SER A 142 3.62 -5.08 22.41
C SER A 142 4.82 -4.60 23.23
N PRO A 143 4.66 -3.51 24.02
CA PRO A 143 5.81 -3.02 24.78
C PRO A 143 6.38 -4.00 25.78
N ALA A 144 7.71 -4.02 25.89
CA ALA A 144 8.40 -4.87 26.83
C ALA A 144 9.64 -4.17 27.35
N ASP A 145 10.05 -4.52 28.56
CA ASP A 145 11.23 -3.95 29.18
C ASP A 145 12.22 -5.07 29.50
N ARG A 146 13.37 -5.02 28.83
CA ARG A 146 14.47 -5.95 29.03
C ARG A 146 14.74 -6.25 30.51
N ASP A 147 14.73 -5.20 31.33
CA ASP A 147 15.09 -5.34 32.74
C ASP A 147 13.87 -5.37 33.67
N ASN A 148 12.68 -5.56 33.11
CA ASN A 148 11.49 -5.62 33.94
C ASN A 148 10.35 -6.40 33.28
N PRO A 149 10.26 -7.71 33.57
CA PRO A 149 9.19 -8.59 33.11
C PRO A 149 7.79 -8.08 33.49
N GLY A 150 7.70 -7.22 34.50
CA GLY A 150 6.41 -6.72 34.96
C GLY A 150 5.88 -5.51 34.22
N PHE A 151 6.72 -4.94 33.37
CA PHE A 151 6.31 -3.81 32.53
C PHE A 151 5.31 -4.26 31.48
N ALA A 152 4.18 -3.57 31.38
CA ALA A 152 3.11 -3.91 30.44
C ALA A 152 2.79 -5.40 30.50
N GLU A 153 2.71 -6.05 29.35
CA GLU A 153 2.47 -7.49 29.34
C GLU A 153 3.69 -8.23 28.79
N ASN A 154 4.86 -7.59 28.89
CA ASN A 154 6.14 -8.18 28.54
C ASN A 154 6.15 -8.76 27.12
N GLY A 155 5.43 -8.10 26.21
CA GLY A 155 5.42 -8.46 24.81
C GLY A 155 4.90 -9.85 24.50
N ALA A 156 4.10 -10.39 25.42
CA ALA A 156 3.66 -11.78 25.34
C ALA A 156 2.92 -12.12 24.04
N LEU A 157 3.26 -13.27 23.47
CA LEU A 157 2.60 -13.76 22.25
C LEU A 157 1.82 -15.04 22.52
N TYR A 158 0.53 -15.01 22.19
CA TYR A 158 -0.31 -16.18 22.31
C TYR A 158 -0.72 -16.68 20.94
N ASP A 159 -1.10 -17.95 20.88
CA ASP A 159 -1.50 -18.62 19.65
C ASP A 159 -2.84 -19.28 19.90
N ASN A 160 -3.89 -18.57 19.53
CA ASN A 160 -5.25 -18.99 19.82
C ASN A 160 -5.42 -19.32 21.29
N GLY A 161 -4.92 -18.43 22.15
CA GLY A 161 -5.13 -18.55 23.58
C GLY A 161 -4.04 -19.25 24.36
N SER A 162 -3.12 -19.93 23.69
CA SER A 162 -2.07 -20.63 24.42
C SER A 162 -0.73 -19.90 24.25
N LEU A 163 0.08 -19.92 25.29
CA LEU A 163 1.27 -19.09 25.34
C LEU A 163 2.40 -19.62 24.44
N LEU A 164 2.82 -18.80 23.48
CA LEU A 164 4.02 -19.11 22.71
C LEU A 164 5.25 -18.64 23.47
N GLY A 165 5.21 -17.42 23.99
CA GLY A 165 6.33 -16.90 24.74
C GLY A 165 6.26 -15.41 25.02
N ALA A 166 7.13 -14.94 25.91
CA ALA A 166 7.19 -13.54 26.24
C ALA A 166 8.63 -13.04 26.07
N HIS A 167 8.81 -11.73 26.15
CA HIS A 167 10.08 -11.10 25.84
C HIS A 167 11.16 -11.48 26.85
N SER A 168 10.81 -11.54 28.10
CA SER A 168 11.72 -11.92 29.13
C SER A 168 11.69 -13.43 29.20
N ASN A 169 12.80 -14.06 29.46
CA ASN A 169 12.89 -15.50 29.43
C ASN A 169 12.30 -16.05 28.12
N ASP A 170 12.74 -15.53 26.98
CA ASP A 170 12.26 -15.93 25.67
C ASP A 170 12.85 -17.27 25.27
N THR A 171 12.34 -18.31 25.87
CA THR A 171 13.01 -19.60 25.73
C THR A 171 12.90 -20.18 24.31
N ALA A 172 11.82 -19.86 23.60
CA ALA A 172 11.67 -20.38 22.23
C ALA A 172 12.38 -19.49 21.20
N GLY A 173 12.98 -18.40 21.66
CA GLY A 173 13.71 -17.51 20.79
C GLY A 173 12.83 -16.84 19.74
N LEU A 174 11.72 -16.27 20.19
CA LEU A 174 10.73 -15.69 19.27
C LEU A 174 11.03 -14.23 18.96
N PHE A 175 11.87 -13.62 19.80
CA PHE A 175 12.12 -12.19 19.71
C PHE A 175 13.60 -11.90 19.53
N HIS A 176 13.89 -10.72 18.97
CA HIS A 176 15.26 -10.21 18.96
C HIS A 176 15.60 -9.67 20.34
N HIS A 177 16.89 -9.65 20.67
CA HIS A 177 17.32 -9.10 21.95
C HIS A 177 18.52 -8.20 21.75
N ASN A 178 18.30 -7.15 20.98
CA ASN A 178 19.36 -6.25 20.58
C ASN A 178 19.09 -4.82 21.03
N GLY A 179 18.15 -4.65 21.95
CA GLY A 179 17.77 -3.33 22.41
C GLY A 179 16.90 -2.59 21.40
N GLY A 180 16.67 -1.29 21.64
CA GLY A 180 15.84 -0.49 20.76
C GLY A 180 16.64 0.18 19.65
N THR A 181 15.95 0.54 18.57
CA THR A 181 16.63 1.19 17.44
C THR A 181 16.77 2.69 17.66
N ASP A 182 17.78 3.30 17.05
CA ASP A 182 17.91 4.75 17.08
C ASP A 182 17.53 5.30 15.71
N PHE A 183 17.02 4.42 14.85
CA PHE A 183 16.61 4.76 13.50
C PHE A 183 17.76 5.33 12.67
N SER A 184 19.00 5.08 13.07
CA SER A 184 20.15 5.68 12.40
C SER A 184 20.35 5.08 11.02
N THR A 185 20.05 3.79 10.89
CA THR A 185 20.17 3.08 9.62
C THR A 185 18.99 2.13 9.48
N ILE A 186 18.74 1.65 8.27
CA ILE A 186 17.68 0.68 8.03
C ILE A 186 17.96 -0.63 8.77
N GLU A 187 19.20 -1.10 8.72
CA GLU A 187 19.58 -2.30 9.46
C GLU A 187 19.25 -2.16 10.94
N ASP A 188 19.65 -1.03 11.51
CA ASP A 188 19.42 -0.78 12.93
C ASP A 188 17.92 -0.82 13.25
N GLY A 189 17.12 -0.24 12.36
CA GLY A 189 15.67 -0.19 12.54
C GLY A 189 14.95 -1.51 12.26
N ILE A 190 15.64 -2.46 11.63
CA ILE A 190 15.04 -3.76 11.33
C ILE A 190 15.23 -4.78 12.46
N TYR A 191 16.46 -4.89 12.95
CA TYR A 191 16.80 -5.96 13.87
C TYR A 191 16.87 -5.52 15.33
N LYS A 192 16.64 -4.23 15.58
CA LYS A 192 16.44 -3.75 16.93
C LYS A 192 14.97 -3.39 17.12
N ASN A 193 14.56 -3.14 18.37
CA ASN A 193 13.15 -2.90 18.67
C ASN A 193 12.65 -1.56 18.14
N LEU A 194 11.43 -1.55 17.61
CA LEU A 194 10.69 -0.32 17.36
C LEU A 194 10.17 0.32 18.64
N TYR A 195 10.89 1.31 19.17
CA TYR A 195 10.64 1.85 20.52
C TYR A 195 10.80 0.62 21.42
N ASP A 196 9.84 0.37 22.31
CA ASP A 196 10.00 -0.73 23.26
C ASP A 196 9.21 -1.96 22.84
N LEU A 197 8.82 -2.01 21.57
CA LEU A 197 8.01 -3.11 21.07
C LEU A 197 8.85 -4.36 20.89
N ALA A 198 8.44 -5.44 21.55
CA ALA A 198 9.11 -6.73 21.42
C ALA A 198 9.16 -7.12 19.95
N ASP A 199 10.37 -7.27 19.43
CA ASP A 199 10.58 -7.43 18.00
C ASP A 199 10.61 -8.89 17.54
N ILE A 200 9.66 -9.26 16.68
CA ILE A 200 9.56 -10.64 16.18
C ILE A 200 10.81 -11.07 15.39
N ASN A 201 11.32 -12.26 15.72
CA ASN A 201 12.40 -12.89 14.98
C ASN A 201 11.83 -13.75 13.86
N HIS A 202 11.82 -13.22 12.64
CA HIS A 202 11.22 -13.95 11.52
C HIS A 202 12.18 -14.98 10.94
N ASN A 203 13.42 -15.02 11.43
CA ASN A 203 14.35 -16.06 11.03
C ASN A 203 14.09 -17.33 11.85
N ASN A 204 13.22 -17.19 12.86
CA ASN A 204 12.69 -18.35 13.55
C ASN A 204 11.50 -18.89 12.78
N ASN A 205 11.59 -20.11 12.28
CA ASN A 205 10.54 -20.64 11.43
C ASN A 205 9.21 -20.82 12.15
N ALA A 206 9.24 -20.92 13.48
CA ALA A 206 8.02 -20.92 14.27
C ALA A 206 7.20 -19.67 13.99
N MET A 207 7.88 -18.54 13.86
CA MET A 207 7.22 -17.27 13.61
C MET A 207 6.77 -17.15 12.17
N ASP A 208 7.57 -17.65 11.23
CA ASP A 208 7.15 -17.64 9.83
C ASP A 208 5.87 -18.44 9.69
N ALA A 209 5.83 -19.63 10.31
CA ALA A 209 4.65 -20.48 10.23
C ALA A 209 3.46 -19.86 10.96
N TYR A 210 3.71 -19.27 12.12
CA TYR A 210 2.66 -18.63 12.90
C TYR A 210 1.96 -17.51 12.11
N PHE A 211 2.73 -16.63 11.49
CA PHE A 211 2.12 -15.48 10.83
C PHE A 211 1.44 -15.83 9.51
N LYS A 212 1.97 -16.83 8.82
CA LYS A 212 1.32 -17.36 7.63
C LYS A 212 -0.01 -18.01 8.01
N SER A 213 -0.02 -18.72 9.13
CA SER A 213 -1.25 -19.30 9.64
C SER A 213 -2.23 -18.19 10.01
N ALA A 214 -1.75 -17.17 10.73
CA ALA A 214 -2.59 -16.06 11.17
C ALA A 214 -3.26 -15.32 10.02
N ILE A 215 -2.47 -14.93 9.02
CA ILE A 215 -3.03 -14.14 7.93
C ILE A 215 -4.04 -14.98 7.12
N ASP A 216 -3.82 -16.29 7.05
CA ASP A 216 -4.75 -17.14 6.31
C ASP A 216 -6.10 -17.16 6.98
N LEU A 217 -6.11 -17.08 8.31
CA LEU A 217 -7.35 -17.03 9.08
C LEU A 217 -8.17 -15.81 8.68
N TRP A 218 -7.53 -14.64 8.68
CA TRP A 218 -8.21 -13.40 8.35
C TRP A 218 -8.65 -13.35 6.89
N LEU A 219 -7.80 -13.86 5.99
CA LEU A 219 -8.18 -13.93 4.57
C LEU A 219 -9.33 -14.92 4.37
N GLY A 220 -9.35 -15.98 5.16
CA GLY A 220 -10.43 -16.96 5.09
C GLY A 220 -11.78 -16.39 5.50
N MET A 221 -11.76 -15.29 6.24
CA MET A 221 -13.02 -14.65 6.60
C MET A 221 -13.49 -13.65 5.55
N GLY A 222 -12.68 -13.45 4.50
CA GLY A 222 -13.11 -12.62 3.39
C GLY A 222 -12.44 -11.25 3.27
N VAL A 223 -11.39 -11.03 4.05
CA VAL A 223 -10.61 -9.79 3.95
C VAL A 223 -10.09 -9.60 2.52
N ASP A 224 -10.17 -8.38 2.02
CA ASP A 224 -9.84 -8.12 0.61
C ASP A 224 -8.46 -7.49 0.42
N GLY A 225 -7.88 -6.98 1.50
CA GLY A 225 -6.61 -6.30 1.40
C GLY A 225 -5.86 -6.25 2.72
N ILE A 226 -4.54 -6.13 2.65
CA ILE A 226 -3.73 -6.06 3.84
C ILE A 226 -2.83 -4.82 3.81
N ARG A 227 -2.87 -4.04 4.84
CA ARG A 227 -1.95 -2.94 5.00
C ARG A 227 -0.91 -3.25 6.03
N PHE A 228 0.32 -3.56 5.62
CA PHE A 228 1.33 -3.97 6.58
C PHE A 228 1.86 -2.78 7.37
N ASP A 229 1.95 -2.96 8.67
CA ASP A 229 2.58 -1.98 9.55
C ASP A 229 4.10 -2.16 9.57
N ALA A 230 4.81 -1.04 9.59
CA ALA A 230 6.26 -1.00 9.80
C ALA A 230 7.06 -1.87 8.82
N VAL A 231 6.80 -1.74 7.52
CA VAL A 231 7.53 -2.52 6.53
C VAL A 231 9.02 -2.15 6.47
N LYS A 232 9.38 -0.98 6.95
CA LYS A 232 10.76 -0.52 6.94
C LYS A 232 11.54 -1.24 8.04
N HIS A 233 10.83 -1.85 8.96
CA HIS A 233 11.43 -2.43 10.16
C HIS A 233 11.42 -3.95 10.16
N MET A 234 11.04 -4.52 9.02
CA MET A 234 11.17 -5.95 8.76
C MET A 234 12.06 -6.17 7.54
N PRO A 235 12.72 -7.32 7.46
CA PRO A 235 13.58 -7.59 6.30
C PRO A 235 12.76 -7.59 5.02
N PHE A 236 13.29 -6.95 3.98
CA PHE A 236 12.68 -6.96 2.66
C PHE A 236 12.40 -8.38 2.23
N GLY A 237 13.38 -9.25 2.43
CA GLY A 237 13.29 -10.62 1.96
C GLY A 237 12.20 -11.42 2.63
N TRP A 238 12.00 -11.20 3.94
CA TRP A 238 10.95 -11.95 4.61
C TRP A 238 9.58 -11.50 4.11
N GLN A 239 9.41 -10.20 3.88
CA GLN A 239 8.12 -9.70 3.42
C GLN A 239 7.85 -10.13 1.98
N LYS A 240 8.88 -10.15 1.14
CA LYS A 240 8.73 -10.68 -0.21
C LYS A 240 8.30 -12.15 -0.18
N SER A 241 8.98 -12.95 0.63
CA SER A 241 8.60 -14.35 0.78
C SER A 241 7.19 -14.46 1.35
N PHE A 242 6.88 -13.61 2.33
CA PHE A 242 5.57 -13.68 2.97
C PHE A 242 4.42 -13.43 1.98
N VAL A 243 4.50 -12.35 1.20
CA VAL A 243 3.38 -12.04 0.31
C VAL A 243 3.32 -13.03 -0.86
N SER A 244 4.47 -13.56 -1.27
CA SER A 244 4.47 -14.56 -2.34
C SER A 244 3.67 -15.80 -1.91
N SER A 245 3.70 -16.12 -0.62
CA SER A 245 2.93 -17.25 -0.11
C SER A 245 1.43 -16.91 -0.06
N ILE A 246 1.12 -15.65 0.16
CA ILE A 246 -0.28 -15.22 0.05
C ILE A 246 -0.73 -15.32 -1.41
N TYR A 247 0.11 -14.86 -2.34
CA TYR A 247 -0.25 -14.86 -3.75
C TYR A 247 -0.36 -16.28 -4.31
N GLY A 248 0.42 -17.20 -3.73
CA GLY A 248 0.38 -18.59 -4.15
C GLY A 248 -0.73 -19.37 -3.47
N GLY A 249 -1.44 -18.71 -2.58
CA GLY A 249 -2.46 -19.38 -1.78
C GLY A 249 -3.86 -19.23 -2.33
N ASP A 250 -4.85 -19.46 -1.47
CA ASP A 250 -6.24 -19.45 -1.90
C ASP A 250 -6.80 -18.03 -2.06
N HIS A 251 -6.15 -17.06 -1.43
CA HIS A 251 -6.69 -15.70 -1.42
C HIS A 251 -5.66 -14.62 -1.75
N PRO A 252 -5.25 -14.53 -3.02
CA PRO A 252 -4.42 -13.39 -3.40
C PRO A 252 -5.16 -12.09 -3.12
N VAL A 253 -4.50 -11.14 -2.48
CA VAL A 253 -5.10 -9.85 -2.19
C VAL A 253 -4.14 -8.71 -2.43
N PHE A 254 -4.72 -7.51 -2.50
CA PHE A 254 -3.96 -6.28 -2.60
C PHE A 254 -3.20 -6.04 -1.28
N THR A 255 -1.91 -5.78 -1.37
CA THR A 255 -1.13 -5.47 -0.17
C THR A 255 -0.41 -4.13 -0.34
N PHE A 256 -0.29 -3.37 0.75
CA PHE A 256 0.55 -2.17 0.74
C PHE A 256 1.07 -1.85 2.14
N GLY A 257 2.17 -1.11 2.17
CA GLY A 257 2.80 -0.75 3.42
C GLY A 257 2.95 0.75 3.58
N GLU A 258 3.39 1.16 4.76
CA GLU A 258 3.70 2.56 5.01
C GLU A 258 5.20 2.74 5.24
N TRP A 259 5.85 3.37 4.27
CA TRP A 259 7.26 3.74 4.38
C TRP A 259 7.31 5.26 4.31
N TYR A 260 7.41 5.89 5.48
CA TYR A 260 7.25 7.34 5.57
C TYR A 260 8.33 8.11 4.83
N LEU A 261 7.93 9.19 4.18
CA LEU A 261 8.86 10.16 3.62
C LEU A 261 8.45 11.55 4.08
N GLY A 262 9.43 12.37 4.43
CA GLY A 262 9.16 13.75 4.78
C GLY A 262 8.91 14.57 3.52
N ALA A 263 8.59 15.83 3.68
CA ALA A 263 8.40 16.72 2.53
C ALA A 263 9.71 16.84 1.75
N ASP A 264 9.59 16.96 0.43
CA ASP A 264 10.75 17.15 -0.44
C ASP A 264 11.76 16.02 -0.33
N GLN A 265 11.28 14.82 -0.06
CA GLN A 265 12.21 13.72 0.14
C GLN A 265 11.92 12.56 -0.80
N THR A 266 13.00 12.01 -1.34
CA THR A 266 12.96 10.78 -2.14
C THR A 266 13.87 9.75 -1.47
N ASP A 267 13.51 8.48 -1.55
CA ASP A 267 14.31 7.43 -0.94
C ASP A 267 14.41 6.22 -1.87
N GLY A 268 15.64 5.88 -2.27
CA GLY A 268 15.88 4.76 -3.15
C GLY A 268 15.47 3.41 -2.59
N ASP A 269 15.55 3.27 -1.26
CA ASP A 269 15.15 2.02 -0.61
C ASP A 269 13.63 1.89 -0.60
N ASN A 270 12.96 3.03 -0.45
CA ASN A 270 11.50 3.10 -0.55
C ASN A 270 11.07 2.64 -1.95
N ILE A 271 11.72 3.17 -2.97
CA ILE A 271 11.41 2.84 -4.36
C ILE A 271 11.68 1.36 -4.67
N LYS A 272 12.80 0.83 -4.19
CA LYS A 272 13.11 -0.59 -4.42
C LYS A 272 12.09 -1.51 -3.76
N PHE A 273 11.65 -1.12 -2.57
CA PHE A 273 10.62 -1.88 -1.85
C PHE A 273 9.35 -2.00 -2.68
N ALA A 274 8.85 -0.85 -3.14
CA ALA A 274 7.61 -0.81 -3.89
C ALA A 274 7.74 -1.57 -5.22
N ASN A 275 8.92 -1.49 -5.82
CA ASN A 275 9.13 -2.09 -7.14
C ASN A 275 9.43 -3.58 -7.11
N GLU A 276 9.87 -4.11 -5.99
CA GLU A 276 10.44 -5.44 -5.94
C GLU A 276 10.05 -6.34 -4.79
N SER A 277 9.37 -5.81 -3.82
CA SER A 277 8.95 -6.64 -2.69
C SER A 277 7.76 -7.51 -3.04
N GLY A 278 6.99 -7.08 -4.04
CA GLY A 278 5.69 -7.68 -4.31
C GLY A 278 4.60 -6.98 -3.51
N MET A 279 4.99 -6.02 -2.69
CA MET A 279 4.06 -5.22 -1.90
C MET A 279 4.11 -3.78 -2.38
N ASN A 280 2.97 -3.11 -2.42
CA ASN A 280 2.91 -1.71 -2.82
C ASN A 280 3.05 -0.77 -1.63
N LEU A 281 3.02 0.54 -1.90
CA LEU A 281 3.28 1.55 -0.87
C LEU A 281 2.33 2.74 -0.89
N LEU A 282 2.10 3.31 0.29
CA LEU A 282 1.54 4.65 0.40
C LEU A 282 2.45 5.59 -0.35
N ASP A 283 1.85 6.51 -1.08
CA ASP A 283 2.58 7.43 -1.93
C ASP A 283 2.88 8.73 -1.17
N PHE A 284 3.94 8.72 -0.35
CA PHE A 284 4.26 9.90 0.46
C PHE A 284 4.84 11.04 -0.37
N GLU A 285 5.49 10.73 -1.50
CA GLU A 285 5.98 11.80 -2.36
C GLU A 285 4.80 12.62 -2.87
N TYR A 286 3.76 11.93 -3.32
CA TYR A 286 2.51 12.57 -3.70
C TYR A 286 1.91 13.36 -2.54
N ALA A 287 1.73 12.68 -1.41
CA ALA A 287 1.01 13.26 -0.28
C ALA A 287 1.67 14.53 0.23
N GLN A 288 2.99 14.47 0.44
CA GLN A 288 3.71 15.62 0.98
C GLN A 288 3.66 16.79 0.02
N GLU A 289 3.74 16.51 -1.27
CA GLU A 289 3.73 17.55 -2.30
C GLU A 289 2.38 18.25 -2.40
N VAL A 290 1.31 17.45 -2.38
CA VAL A 290 -0.04 18.00 -2.42
C VAL A 290 -0.29 18.88 -1.21
N ARG A 291 0.21 18.47 -0.04
CA ARG A 291 0.09 19.29 1.16
C ARG A 291 0.85 20.59 0.98
N GLU A 292 2.07 20.50 0.43
CA GLU A 292 2.84 21.71 0.17
C GLU A 292 2.12 22.66 -0.76
N VAL A 293 1.49 22.12 -1.80
CA VAL A 293 0.83 22.96 -2.80
C VAL A 293 -0.44 23.61 -2.27
N PHE A 294 -1.33 22.79 -1.68
CA PHE A 294 -2.66 23.26 -1.32
C PHE A 294 -2.77 23.72 0.13
N ARG A 295 -2.15 23.00 1.05
CA ARG A 295 -2.33 23.30 2.46
C ARG A 295 -1.41 24.42 2.93
N ASP A 296 -0.13 24.32 2.60
CA ASP A 296 0.86 25.24 3.14
C ASP A 296 1.28 26.29 2.11
N LYS A 297 0.90 26.09 0.87
CA LYS A 297 1.31 26.91 -0.25
C LYS A 297 2.83 27.11 -0.40
N THR A 298 3.61 26.08 -0.12
CA THR A 298 5.07 26.20 -0.18
C THR A 298 5.67 25.63 -1.47
N GLU A 299 4.83 25.07 -2.35
CA GLU A 299 5.26 24.61 -3.67
C GLU A 299 4.23 25.06 -4.72
N THR A 300 4.70 25.34 -5.94
CA THR A 300 3.78 25.77 -6.99
C THR A 300 3.18 24.57 -7.73
N MET A 301 2.25 24.84 -8.64
CA MET A 301 1.65 23.77 -9.46
C MET A 301 2.68 23.16 -10.41
N LYS A 302 3.69 23.94 -10.75
CA LYS A 302 4.78 23.46 -11.58
C LYS A 302 5.63 22.45 -10.83
N ASP A 303 5.91 22.72 -9.56
CA ASP A 303 6.59 21.78 -8.69
C ASP A 303 5.77 20.50 -8.61
N LEU A 304 4.46 20.66 -8.49
CA LEU A 304 3.56 19.52 -8.34
C LEU A 304 3.67 18.54 -9.50
N TYR A 305 3.59 19.03 -10.72
CA TYR A 305 3.65 18.13 -11.87
C TYR A 305 5.02 17.48 -11.97
N GLU A 306 6.06 18.21 -11.57
CA GLU A 306 7.42 17.65 -11.54
C GLU A 306 7.44 16.40 -10.66
N VAL A 307 6.77 16.47 -9.52
CA VAL A 307 6.71 15.30 -8.65
C VAL A 307 5.92 14.17 -9.30
N LEU A 308 4.81 14.51 -9.94
CA LEU A 308 4.01 13.50 -10.64
C LEU A 308 4.84 12.83 -11.72
N ALA A 309 5.62 13.62 -12.45
CA ALA A 309 6.46 13.07 -13.51
C ALA A 309 7.56 12.19 -12.92
N SER A 310 8.16 12.62 -11.81
CA SER A 310 9.25 11.85 -11.25
C SER A 310 8.77 10.54 -10.63
N THR A 311 7.62 10.54 -9.95
CA THR A 311 7.09 9.29 -9.42
C THR A 311 6.81 8.31 -10.56
N GLU A 312 6.35 8.86 -11.68
CA GLU A 312 6.11 8.06 -12.88
C GLU A 312 7.38 7.36 -13.34
N SER A 313 8.51 8.05 -13.19
CA SER A 313 9.78 7.49 -13.60
C SER A 313 10.29 6.47 -12.57
N GLN A 314 10.02 6.74 -11.30
CA GLN A 314 10.58 5.93 -10.20
C GLN A 314 9.87 4.59 -9.99
N TYR A 315 8.54 4.62 -9.93
CA TYR A 315 7.75 3.45 -9.54
C TYR A 315 7.24 2.66 -10.74
N ASP A 316 7.44 1.34 -10.71
CA ASP A 316 7.05 0.47 -11.82
C ASP A 316 5.56 0.21 -11.92
N TYR A 317 4.85 0.33 -10.81
CA TYR A 317 3.44 0.00 -10.73
C TYR A 317 2.62 1.19 -10.29
N ILE A 318 2.55 2.17 -11.17
CA ILE A 318 2.06 3.47 -10.85
C ILE A 318 0.60 3.47 -10.47
N ASN A 319 -0.16 2.53 -11.00
CA ASN A 319 -1.56 2.42 -10.65
C ASN A 319 -1.79 1.75 -9.29
N ASN A 320 -0.73 1.40 -8.63
CA ASN A 320 -0.87 0.78 -7.31
C ASN A 320 -0.49 1.70 -6.13
N MET A 321 -0.02 2.92 -6.40
CA MET A 321 0.37 3.83 -5.32
C MET A 321 -0.85 4.25 -4.53
N VAL A 322 -0.83 4.09 -3.21
CA VAL A 322 -1.98 4.53 -2.43
C VAL A 322 -1.81 6.00 -2.08
N THR A 323 -2.59 6.86 -2.73
CA THR A 323 -2.49 8.31 -2.57
C THR A 323 -3.41 8.81 -1.46
N PHE A 324 -3.13 10.01 -0.96
CA PHE A 324 -3.80 10.57 0.23
C PHE A 324 -3.28 11.97 0.50
N ILE A 325 -4.00 12.73 1.31
CA ILE A 325 -3.56 14.09 1.66
C ILE A 325 -3.21 14.19 3.15
N ASP A 326 -3.74 13.26 3.94
CA ASP A 326 -3.21 13.03 5.28
C ASP A 326 -3.56 11.61 5.73
N ASN A 327 -3.09 11.24 6.92
CA ASN A 327 -3.48 9.98 7.55
C ASN A 327 -3.13 10.01 9.04
N HIS A 328 -3.15 8.82 9.65
CA HIS A 328 -2.93 8.67 11.10
C HIS A 328 -1.56 9.16 11.57
N ASP A 329 -0.62 9.36 10.65
CA ASP A 329 0.74 9.77 11.03
C ASP A 329 1.12 11.16 10.54
N MET A 330 0.13 11.95 10.14
CA MET A 330 0.41 13.32 9.69
C MET A 330 -0.49 14.31 10.43
N ASP A 331 -0.10 15.58 10.47
CA ASP A 331 -0.99 16.61 10.94
C ASP A 331 -2.21 16.65 10.03
N ARG A 332 -3.38 16.86 10.63
CA ARG A 332 -4.63 16.94 9.87
C ARG A 332 -4.51 17.95 8.74
N PHE A 333 -5.06 17.63 7.58
CA PHE A 333 -4.93 18.48 6.42
C PHE A 333 -5.53 19.86 6.70
N GLN A 334 -6.72 19.87 7.29
CA GLN A 334 -7.39 21.11 7.63
C GLN A 334 -6.66 21.81 8.78
N VAL A 335 -6.26 23.05 8.54
CA VAL A 335 -5.72 23.90 9.59
C VAL A 335 -6.88 24.66 10.21
N ALA A 336 -6.98 24.64 11.54
CA ALA A 336 -8.07 25.31 12.24
C ALA A 336 -8.13 26.79 11.89
N GLY A 337 -9.32 27.28 11.58
CA GLY A 337 -9.50 28.68 11.24
C GLY A 337 -9.15 29.00 9.81
N SER A 338 -8.82 27.97 9.04
CA SER A 338 -8.50 28.16 7.63
C SER A 338 -9.72 27.80 6.77
N GLY A 339 -9.68 28.19 5.50
CA GLY A 339 -10.77 27.91 4.57
C GLY A 339 -10.83 26.43 4.22
N THR A 340 -11.91 26.01 3.57
CA THR A 340 -12.09 24.60 3.28
C THR A 340 -11.77 24.22 1.84
N ARG A 341 -11.53 25.21 0.99
CA ARG A 341 -11.32 24.94 -0.44
C ARG A 341 -10.06 24.11 -0.67
N ALA A 342 -9.03 24.29 0.16
CA ALA A 342 -7.79 23.53 0.01
C ALA A 342 -8.06 22.03 0.11
N THR A 343 -8.82 21.65 1.12
CA THR A 343 -9.23 20.26 1.31
C THR A 343 -9.99 19.72 0.10
N GLU A 344 -10.94 20.51 -0.38
CA GLU A 344 -11.82 20.11 -1.47
C GLU A 344 -11.06 19.94 -2.79
N GLN A 345 -10.09 20.81 -3.03
CA GLN A 345 -9.26 20.70 -4.23
C GLN A 345 -8.26 19.54 -4.13
N ALA A 346 -7.67 19.34 -2.96
CA ALA A 346 -6.74 18.23 -2.76
C ALA A 346 -7.45 16.90 -2.93
N LEU A 347 -8.68 16.83 -2.42
CA LEU A 347 -9.51 15.64 -2.58
C LEU A 347 -9.84 15.38 -4.05
N ALA A 348 -10.24 16.42 -4.77
CA ALA A 348 -10.58 16.31 -6.18
C ALA A 348 -9.39 15.84 -7.02
N LEU A 349 -8.21 16.36 -6.73
CA LEU A 349 -7.00 15.91 -7.43
C LEU A 349 -6.72 14.44 -7.14
N THR A 350 -6.71 14.08 -5.86
CA THR A 350 -6.46 12.70 -5.46
C THR A 350 -7.44 11.72 -6.12
N LEU A 351 -8.73 12.07 -6.09
CA LEU A 351 -9.77 11.21 -6.66
C LEU A 351 -9.68 11.04 -8.18
N THR A 352 -9.03 11.97 -8.86
CA THR A 352 -8.93 11.90 -10.32
C THR A 352 -7.51 11.56 -10.81
N SER A 353 -6.58 11.37 -9.87
CA SER A 353 -5.20 11.09 -10.24
C SER A 353 -4.93 9.59 -10.21
N ARG A 354 -3.82 9.19 -10.79
CA ARG A 354 -3.41 7.83 -10.83
C ARG A 354 -3.22 7.15 -9.45
N GLY A 355 -3.52 5.88 -9.36
CA GLY A 355 -3.26 5.14 -8.13
C GLY A 355 -4.48 4.64 -7.41
N VAL A 356 -4.35 4.51 -6.08
CA VAL A 356 -5.43 4.06 -5.21
C VAL A 356 -5.68 5.13 -4.15
N PRO A 357 -6.72 5.96 -4.35
CA PRO A 357 -6.99 7.06 -3.40
C PRO A 357 -7.45 6.55 -2.04
N ALA A 358 -6.90 7.13 -0.98
CA ALA A 358 -7.34 6.82 0.38
C ALA A 358 -7.68 8.11 1.10
N ILE A 359 -8.83 8.12 1.77
CA ILE A 359 -9.28 9.29 2.50
C ILE A 359 -9.35 8.98 3.99
N TYR A 360 -8.67 9.79 4.79
CA TYR A 360 -8.62 9.60 6.24
C TYR A 360 -9.96 10.06 6.84
N TYR A 361 -10.55 9.24 7.71
CA TYR A 361 -11.86 9.51 8.29
C TYR A 361 -11.92 10.94 8.84
N GLY A 362 -13.01 11.64 8.54
CA GLY A 362 -13.21 12.97 9.05
C GLY A 362 -12.64 14.07 8.17
N THR A 363 -11.89 13.70 7.14
CA THR A 363 -11.38 14.69 6.18
C THR A 363 -12.54 15.49 5.60
N GLU A 364 -13.61 14.78 5.30
CA GLU A 364 -14.79 15.37 4.70
C GLU A 364 -15.61 16.16 5.73
N GLN A 365 -15.20 16.09 7.00
CA GLN A 365 -15.81 16.91 8.05
C GLN A 365 -14.83 18.01 8.49
N TYR A 366 -13.75 18.16 7.75
CA TYR A 366 -12.73 19.18 8.01
C TYR A 366 -12.17 19.10 9.43
N MET A 367 -11.96 17.88 9.92
CA MET A 367 -11.43 17.70 11.27
C MET A 367 -10.00 18.22 11.37
N THR A 368 -9.69 18.83 12.51
CA THR A 368 -8.38 19.42 12.74
C THR A 368 -7.61 18.67 13.84
N GLY A 369 -6.33 18.97 13.98
CA GLY A 369 -5.50 18.35 15.00
C GLY A 369 -4.09 18.05 14.51
N ASP A 370 -3.10 18.61 15.18
CA ASP A 370 -1.71 18.42 14.78
C ASP A 370 -1.00 17.46 15.71
N GLY A 371 -0.25 16.53 15.12
CA GLY A 371 0.50 15.58 15.91
C GLY A 371 -0.34 14.40 16.37
N ASP A 372 0.35 13.37 16.85
CA ASP A 372 -0.28 12.21 17.49
C ASP A 372 -0.39 12.54 18.98
N PRO A 373 -1.58 12.36 19.57
CA PRO A 373 -2.80 11.75 19.03
C PRO A 373 -3.89 12.72 18.63
N ASN A 374 -3.58 14.02 18.55
CA ASN A 374 -4.59 15.00 18.20
C ASN A 374 -5.20 14.76 16.82
N ASN A 375 -4.44 14.11 15.94
CA ASN A 375 -4.92 13.79 14.61
C ASN A 375 -5.82 12.55 14.60
N ARG A 376 -6.05 11.98 15.78
CA ARG A 376 -6.89 10.80 15.90
C ARG A 376 -8.09 11.04 16.81
N ALA A 377 -8.71 12.21 16.68
CA ALA A 377 -9.86 12.56 17.51
C ALA A 377 -11.11 11.82 17.05
N MET A 378 -12.11 11.77 17.92
CA MET A 378 -13.34 11.08 17.54
C MET A 378 -13.96 11.80 16.34
N MET A 379 -14.50 11.01 15.41
CA MET A 379 -15.28 11.52 14.29
C MET A 379 -16.26 12.59 14.79
N THR A 380 -16.18 13.80 14.24
CA THR A 380 -16.87 14.93 14.86
C THR A 380 -18.33 15.02 14.48
N SER A 381 -18.68 14.44 13.34
CA SER A 381 -20.04 14.55 12.81
C SER A 381 -20.25 13.61 11.65
N PHE A 382 -21.52 13.30 11.35
CA PHE A 382 -21.84 12.50 10.18
C PHE A 382 -22.71 13.29 9.22
N ASN A 383 -22.51 14.61 9.22
CA ASN A 383 -23.16 15.52 8.27
C ASN A 383 -22.88 15.15 6.81
N THR A 384 -23.91 14.74 6.08
CA THR A 384 -23.72 14.35 4.68
C THR A 384 -23.78 15.54 3.73
N GLY A 385 -23.81 16.76 4.28
CA GLY A 385 -24.04 17.94 3.46
C GLY A 385 -22.84 18.83 3.24
N THR A 386 -21.68 18.48 3.79
CA THR A 386 -20.49 19.29 3.60
C THR A 386 -20.07 19.28 2.13
N THR A 387 -19.40 20.35 1.69
CA THR A 387 -18.91 20.42 0.32
C THR A 387 -17.96 19.26 0.00
N ALA A 388 -17.09 18.94 0.95
CA ALA A 388 -16.12 17.86 0.80
C ALA A 388 -16.79 16.50 0.60
N TYR A 389 -17.83 16.22 1.37
CA TYR A 389 -18.64 15.02 1.18
C TYR A 389 -19.16 14.95 -0.25
N LYS A 390 -19.75 16.06 -0.71
CA LYS A 390 -20.31 16.13 -2.06
C LYS A 390 -19.24 15.97 -3.14
N VAL A 391 -18.05 16.50 -2.89
CA VAL A 391 -16.94 16.37 -3.83
C VAL A 391 -16.61 14.88 -4.01
N ILE A 392 -16.45 14.18 -2.89
CA ILE A 392 -16.14 12.75 -2.93
C ILE A 392 -17.27 11.98 -3.61
N GLN A 393 -18.50 12.33 -3.23
CA GLN A 393 -19.69 11.69 -3.78
C GLN A 393 -19.75 11.78 -5.31
N ALA A 394 -19.36 12.94 -5.85
CA ALA A 394 -19.41 13.17 -7.29
C ALA A 394 -18.28 12.47 -8.03
N LEU A 395 -17.10 12.41 -7.44
CA LEU A 395 -15.90 12.03 -8.18
C LEU A 395 -15.49 10.59 -8.01
N ALA A 396 -15.67 10.06 -6.80
CA ALA A 396 -15.28 8.67 -6.51
C ALA A 396 -15.87 7.64 -7.49
N PRO A 397 -17.17 7.76 -7.86
CA PRO A 397 -17.70 6.79 -8.82
C PRO A 397 -17.03 6.83 -10.21
N LEU A 398 -16.37 7.93 -10.56
CA LEU A 398 -15.66 7.98 -11.83
C LEU A 398 -14.55 6.93 -11.91
N ARG A 399 -14.03 6.53 -10.77
CA ARG A 399 -12.99 5.53 -10.73
C ARG A 399 -13.54 4.19 -11.24
N LYS A 400 -14.82 3.96 -11.03
CA LYS A 400 -15.48 2.75 -11.50
C LYS A 400 -15.92 2.88 -12.96
N SER A 401 -16.42 4.05 -13.33
CA SER A 401 -17.04 4.24 -14.63
C SER A 401 -16.06 4.66 -15.74
N ASN A 402 -15.06 5.48 -15.39
CA ASN A 402 -14.14 5.98 -16.41
C ASN A 402 -12.76 5.34 -16.29
N PRO A 403 -12.44 4.41 -17.21
CA PRO A 403 -11.15 3.70 -17.16
C PRO A 403 -9.93 4.62 -17.29
N ALA A 404 -10.08 5.81 -17.86
CA ALA A 404 -8.96 6.75 -17.93
C ALA A 404 -8.57 7.21 -16.53
N ILE A 405 -9.57 7.41 -15.67
CA ILE A 405 -9.34 7.76 -14.28
C ILE A 405 -8.70 6.60 -13.52
N ALA A 406 -9.24 5.41 -13.72
CA ALA A 406 -8.75 4.23 -13.01
C ALA A 406 -7.37 3.80 -13.48
N TYR A 407 -7.11 3.90 -14.78
CA TYR A 407 -5.93 3.25 -15.34
C TYR A 407 -5.00 4.17 -16.15
N GLY A 408 -5.49 5.34 -16.51
CA GLY A 408 -4.89 6.10 -17.59
C GLY A 408 -3.54 6.74 -17.34
N THR A 409 -2.88 7.09 -18.44
CA THR A 409 -1.69 7.91 -18.38
C THR A 409 -2.02 9.30 -17.85
N THR A 410 -0.99 10.04 -17.45
CA THR A 410 -1.16 11.38 -16.93
C THR A 410 -0.37 12.36 -17.78
N THR A 411 -1.02 13.42 -18.22
CA THR A 411 -0.39 14.40 -19.09
C THR A 411 -0.69 15.82 -18.62
N GLU A 412 0.32 16.67 -18.66
CA GLU A 412 0.15 18.08 -18.33
C GLU A 412 -0.35 18.87 -19.54
N ARG A 413 -1.51 19.51 -19.39
CA ARG A 413 -2.09 20.28 -20.50
C ARG A 413 -1.88 21.78 -20.32
N TRP A 414 -1.64 22.19 -19.08
CA TRP A 414 -1.51 23.61 -18.74
C TRP A 414 -0.92 23.75 -17.35
N VAL A 415 0.00 24.67 -17.18
CA VAL A 415 0.53 24.96 -15.88
C VAL A 415 0.90 26.41 -15.66
N ASN A 416 0.75 26.82 -14.42
CA ASN A 416 0.98 28.17 -13.96
C ASN A 416 1.41 28.01 -12.51
N ASN A 417 1.78 29.08 -11.83
CA ASN A 417 2.09 28.98 -10.41
C ASN A 417 0.91 28.44 -9.60
N ASP A 418 -0.29 28.88 -9.98
CA ASP A 418 -1.50 28.53 -9.24
C ASP A 418 -2.44 27.58 -9.99
N VAL A 419 -2.18 27.36 -11.26
CA VAL A 419 -3.12 26.58 -12.08
C VAL A 419 -2.48 25.31 -12.64
N LEU A 420 -3.20 24.20 -12.50
CA LEU A 420 -2.77 22.95 -13.12
C LEU A 420 -3.95 22.32 -13.85
N ILE A 421 -3.72 21.95 -15.10
CA ILE A 421 -4.72 21.19 -15.84
C ILE A 421 -4.09 19.89 -16.35
N ILE A 422 -4.61 18.79 -15.82
CA ILE A 422 -4.11 17.44 -16.06
C ILE A 422 -5.06 16.68 -16.96
N GLU A 423 -4.51 15.83 -17.83
CA GLU A 423 -5.35 14.95 -18.62
C GLU A 423 -5.00 13.48 -18.36
N ARG A 424 -6.03 12.69 -18.06
CA ARG A 424 -5.90 11.24 -17.98
C ARG A 424 -6.36 10.62 -19.30
N LYS A 425 -5.68 9.58 -19.75
CA LYS A 425 -6.04 8.93 -21.02
C LYS A 425 -5.88 7.41 -20.97
N PHE A 426 -6.94 6.70 -21.34
CA PHE A 426 -6.91 5.24 -21.46
C PHE A 426 -7.80 4.77 -22.60
N GLY A 427 -7.18 4.20 -23.63
CA GLY A 427 -7.91 3.85 -24.83
C GLY A 427 -8.61 5.06 -25.41
N SER A 428 -9.92 4.94 -25.58
CA SER A 428 -10.71 6.01 -26.17
C SER A 428 -11.24 6.97 -25.11
N SER A 429 -11.08 6.60 -23.84
CA SER A 429 -11.58 7.41 -22.73
C SER A 429 -10.56 8.43 -22.27
N ALA A 430 -11.05 9.56 -21.76
CA ALA A 430 -10.20 10.62 -21.24
C ALA A 430 -10.88 11.39 -20.13
N ALA A 431 -10.07 12.03 -19.29
CA ALA A 431 -10.58 12.92 -18.27
C ALA A 431 -9.66 14.13 -18.17
N LEU A 432 -10.27 15.31 -18.10
CA LEU A 432 -9.52 16.55 -18.07
C LEU A 432 -9.84 17.25 -16.75
N VAL A 433 -8.81 17.60 -15.99
CA VAL A 433 -9.01 18.16 -14.66
C VAL A 433 -8.30 19.51 -14.52
N ALA A 434 -9.04 20.54 -14.11
CA ALA A 434 -8.47 21.88 -13.96
C ALA A 434 -8.58 22.38 -12.53
N ILE A 435 -7.47 22.91 -12.01
CA ILE A 435 -7.43 23.36 -10.63
C ILE A 435 -6.75 24.72 -10.51
N ASN A 436 -7.43 25.67 -9.87
CA ASN A 436 -6.86 26.97 -9.53
C ASN A 436 -6.85 27.14 -8.02
N ARG A 437 -5.66 27.08 -7.42
CA ARG A 437 -5.54 27.10 -5.96
C ARG A 437 -5.69 28.50 -5.39
N ASN A 438 -5.65 29.50 -6.26
CA ASN A 438 -5.72 30.89 -5.84
C ASN A 438 -7.17 31.28 -5.54
N SER A 439 -7.44 31.59 -4.27
CA SER A 439 -8.78 31.92 -3.81
C SER A 439 -9.19 33.34 -4.17
N SER A 440 -8.22 34.16 -4.59
CA SER A 440 -8.47 35.58 -4.80
C SER A 440 -8.38 36.00 -6.27
N ALA A 441 -7.87 35.14 -7.13
CA ALA A 441 -7.68 35.49 -8.53
C ALA A 441 -8.20 34.42 -9.48
N ALA A 442 -8.91 34.86 -10.52
CA ALA A 442 -9.28 33.98 -11.62
C ALA A 442 -8.20 34.04 -12.70
N TYR A 443 -8.14 33.02 -13.54
CA TYR A 443 -7.12 32.97 -14.59
C TYR A 443 -7.74 32.64 -15.94
N PRO A 444 -7.50 33.50 -16.93
CA PRO A 444 -7.92 33.20 -18.30
C PRO A 444 -7.16 32.01 -18.86
N ILE A 445 -7.88 31.02 -19.38
CA ILE A 445 -7.24 29.86 -20.00
C ILE A 445 -7.38 29.97 -21.52
N SER A 446 -6.27 30.24 -22.20
CA SER A 446 -6.30 30.44 -23.64
C SER A 446 -5.52 29.37 -24.38
N GLY A 447 -6.06 28.88 -25.49
CA GLY A 447 -5.33 27.95 -26.33
C GLY A 447 -5.05 26.60 -25.71
N LEU A 448 -5.91 26.19 -24.78
CA LEU A 448 -5.79 24.87 -24.16
C LEU A 448 -6.17 23.77 -25.15
N LEU A 449 -5.40 22.69 -25.18
CA LEU A 449 -5.69 21.57 -26.07
C LEU A 449 -6.06 20.31 -25.28
N SER A 450 -6.83 19.42 -25.91
CA SER A 450 -7.30 18.21 -25.22
C SER A 450 -7.50 17.02 -26.15
N SER A 451 -7.48 15.82 -25.58
CA SER A 451 -7.78 14.58 -26.32
C SER A 451 -9.27 14.28 -26.32
N LEU A 452 -10.04 15.09 -25.60
CA LEU A 452 -11.48 14.93 -25.56
C LEU A 452 -12.07 15.05 -26.96
N PRO A 453 -13.01 14.16 -27.30
CA PRO A 453 -13.74 14.32 -28.56
C PRO A 453 -14.46 15.66 -28.61
N ALA A 454 -14.74 16.17 -29.80
CA ALA A 454 -15.46 17.44 -29.94
C ALA A 454 -16.79 17.41 -29.22
N GLY A 455 -17.17 18.52 -28.60
CA GLY A 455 -18.45 18.60 -27.93
C GLY A 455 -18.45 19.56 -26.76
N THR A 456 -19.61 19.69 -26.14
CA THR A 456 -19.75 20.49 -24.94
C THR A 456 -19.72 19.58 -23.73
N TYR A 457 -18.87 19.91 -22.75
CA TYR A 457 -18.67 19.09 -21.57
C TYR A 457 -19.04 19.85 -20.31
N SER A 458 -20.00 19.34 -19.55
CA SER A 458 -20.30 19.98 -18.28
C SER A 458 -19.37 19.45 -17.19
N ASP A 459 -19.06 20.30 -16.22
CA ASP A 459 -18.31 19.94 -15.03
C ASP A 459 -18.99 18.77 -14.29
N VAL A 460 -18.27 17.68 -14.07
CA VAL A 460 -18.80 16.57 -13.27
C VAL A 460 -19.19 17.06 -11.87
N LEU A 461 -18.47 18.07 -11.39
CA LEU A 461 -18.78 18.67 -10.10
C LEU A 461 -19.95 19.65 -10.19
N ASN A 462 -20.45 19.89 -11.41
CA ASN A 462 -21.57 20.81 -11.65
C ASN A 462 -21.35 22.20 -11.04
N GLY A 463 -20.11 22.68 -11.09
CA GLY A 463 -19.77 23.99 -10.56
C GLY A 463 -19.62 24.08 -9.04
N LEU A 464 -19.71 22.95 -8.37
CA LEU A 464 -19.65 22.94 -6.89
C LEU A 464 -18.39 23.63 -6.36
N LEU A 465 -17.27 23.43 -7.06
CA LEU A 465 -16.03 24.09 -6.69
C LEU A 465 -15.70 25.20 -7.68
N ASN A 466 -16.74 25.91 -8.10
CA ASN A 466 -16.65 27.04 -9.01
C ASN A 466 -16.14 26.66 -10.40
N GLY A 467 -16.37 25.42 -10.80
CA GLY A 467 -15.99 24.95 -12.12
C GLY A 467 -16.91 25.49 -13.20
N ASN A 468 -16.66 25.11 -14.44
CA ASN A 468 -17.42 25.60 -15.59
C ASN A 468 -17.54 24.54 -16.67
N SER A 469 -18.43 24.77 -17.64
CA SER A 469 -18.52 23.90 -18.81
C SER A 469 -17.46 24.33 -19.81
N ILE A 470 -17.06 23.43 -20.70
CA ILE A 470 -16.14 23.80 -21.77
C ILE A 470 -16.65 23.33 -23.12
N THR A 471 -16.14 23.95 -24.17
CA THR A 471 -16.42 23.52 -25.53
C THR A 471 -15.13 23.05 -26.19
N VAL A 472 -15.15 21.84 -26.72
CA VAL A 472 -13.99 21.28 -27.37
C VAL A 472 -14.23 21.19 -28.88
N GLY A 473 -13.30 21.74 -29.66
CA GLY A 473 -13.42 21.73 -31.11
C GLY A 473 -13.01 20.40 -31.71
N SER A 474 -13.18 20.26 -33.01
CA SER A 474 -12.91 18.98 -33.67
C SER A 474 -11.42 18.67 -33.72
N GLY A 475 -10.59 19.67 -33.45
CA GLY A 475 -9.15 19.46 -33.42
C GLY A 475 -8.62 19.32 -32.01
N GLY A 476 -9.52 19.34 -31.04
CA GLY A 476 -9.12 19.19 -29.65
C GLY A 476 -8.91 20.49 -28.91
N ALA A 477 -9.05 21.61 -29.60
CA ALA A 477 -8.87 22.92 -28.97
C ALA A 477 -10.05 23.29 -28.08
N THR A 478 -9.74 23.67 -26.85
CA THR A 478 -10.76 24.09 -25.91
C THR A 478 -11.01 25.59 -26.02
N THR A 479 -12.26 25.97 -26.27
CA THR A 479 -12.66 27.36 -26.36
C THR A 479 -12.21 28.11 -25.11
N ASN A 480 -11.62 29.29 -25.30
CA ASN A 480 -11.15 30.11 -24.19
C ASN A 480 -12.18 30.24 -23.08
N PHE A 481 -11.74 30.12 -21.83
CA PHE A 481 -12.62 30.30 -20.69
C PHE A 481 -11.85 30.87 -19.52
N THR A 482 -12.56 31.32 -18.50
CA THR A 482 -11.91 31.83 -17.31
C THR A 482 -12.07 30.82 -16.18
N LEU A 483 -10.94 30.34 -15.67
CA LEU A 483 -10.95 29.43 -14.52
C LEU A 483 -11.08 30.25 -13.25
N ALA A 484 -12.24 30.15 -12.61
CA ALA A 484 -12.60 31.03 -11.50
C ALA A 484 -11.66 30.88 -10.31
N ALA A 485 -11.59 31.92 -9.47
CA ALA A 485 -10.82 31.84 -8.24
C ALA A 485 -11.31 30.63 -7.43
N GLY A 486 -10.36 29.85 -6.90
CA GLY A 486 -10.71 28.64 -6.18
C GLY A 486 -11.31 27.56 -7.07
N GLY A 487 -11.15 27.74 -8.38
CA GLY A 487 -11.80 26.86 -9.34
C GLY A 487 -11.27 25.44 -9.42
N THR A 488 -12.19 24.51 -9.63
CA THR A 488 -11.87 23.10 -9.84
C THR A 488 -12.97 22.49 -10.69
N ALA A 489 -12.58 21.85 -11.78
CA ALA A 489 -13.57 21.26 -12.67
C ALA A 489 -13.04 19.97 -13.30
N VAL A 490 -13.96 19.05 -13.58
CA VAL A 490 -13.60 17.76 -14.17
C VAL A 490 -14.47 17.49 -15.39
N TRP A 491 -13.84 17.28 -16.53
CA TRP A 491 -14.56 16.99 -17.76
C TRP A 491 -14.13 15.63 -18.24
N GLN A 492 -15.08 14.83 -18.73
CA GLN A 492 -14.74 13.46 -19.05
C GLN A 492 -15.49 12.87 -20.23
N TYR A 493 -14.85 11.87 -20.85
CA TYR A 493 -15.44 11.14 -21.94
C TYR A 493 -15.15 9.66 -21.76
N THR A 494 -16.20 8.85 -21.79
CA THR A 494 -16.06 7.42 -21.70
C THR A 494 -16.57 6.79 -22.99
N ALA A 495 -15.75 5.96 -23.62
CA ALA A 495 -16.17 5.32 -24.85
C ALA A 495 -16.14 3.81 -24.73
N PRO A 496 -17.00 3.14 -25.51
CA PRO A 496 -16.87 1.70 -25.73
C PRO A 496 -15.55 1.41 -26.43
N GLU A 497 -14.76 0.51 -25.85
CA GLU A 497 -13.44 0.22 -26.40
C GLU A 497 -13.53 -0.97 -27.35
N THR A 498 -12.90 -0.84 -28.51
CA THR A 498 -12.91 -1.92 -29.49
C THR A 498 -11.60 -2.70 -29.46
N SER A 499 -10.54 -2.02 -29.05
CA SER A 499 -9.23 -2.64 -28.98
C SER A 499 -8.85 -2.97 -27.53
N PRO A 500 -8.34 -4.19 -27.30
CA PRO A 500 -7.98 -4.63 -25.95
C PRO A 500 -6.99 -3.68 -25.30
N ALA A 501 -7.25 -3.33 -24.06
CA ALA A 501 -6.39 -2.40 -23.33
C ALA A 501 -6.23 -2.91 -21.90
N ILE A 502 -4.98 -3.12 -21.49
CA ILE A 502 -4.68 -3.58 -20.14
C ILE A 502 -4.43 -2.40 -19.21
N GLY A 503 -5.21 -2.31 -18.13
CA GLY A 503 -5.05 -1.24 -17.16
C GLY A 503 -4.24 -1.61 -15.93
N ASN A 504 -4.32 -2.87 -15.52
CA ASN A 504 -3.55 -3.33 -14.36
C ASN A 504 -3.49 -4.86 -14.35
N VAL A 505 -2.40 -5.37 -13.78
CA VAL A 505 -2.25 -6.80 -13.50
C VAL A 505 -1.86 -6.99 -12.04
N GLY A 506 -2.59 -7.84 -11.33
CA GLY A 506 -2.33 -8.08 -9.93
C GLY A 506 -2.42 -9.55 -9.56
N PRO A 507 -1.58 -10.00 -8.61
CA PRO A 507 -0.48 -9.24 -8.02
C PRO A 507 0.60 -8.95 -9.06
N THR A 508 1.64 -8.20 -8.70
CA THR A 508 2.68 -7.82 -9.66
C THR A 508 3.82 -8.84 -9.68
N MET A 509 3.70 -9.85 -8.83
CA MET A 509 4.76 -10.83 -8.62
C MET A 509 4.14 -12.20 -8.39
N GLY A 510 4.70 -13.24 -8.99
CA GLY A 510 4.18 -14.57 -8.75
C GLY A 510 4.99 -15.71 -9.33
N GLN A 511 4.97 -16.85 -8.66
CA GLN A 511 5.57 -18.07 -9.18
C GLN A 511 4.60 -18.77 -10.12
N PRO A 512 5.10 -19.60 -11.04
CA PRO A 512 4.21 -20.33 -11.95
C PRO A 512 3.15 -21.11 -11.17
N GLY A 513 1.90 -21.06 -11.64
CA GLY A 513 0.82 -21.68 -10.92
C GLY A 513 -0.07 -20.70 -10.18
N ASN A 514 0.47 -19.53 -9.85
CA ASN A 514 -0.34 -18.46 -9.26
C ASN A 514 -1.39 -17.95 -10.24
N ILE A 515 -2.50 -17.46 -9.71
CA ILE A 515 -3.57 -16.88 -10.49
C ILE A 515 -3.47 -15.36 -10.46
N VAL A 516 -3.31 -14.73 -11.64
CA VAL A 516 -3.24 -13.28 -11.70
C VAL A 516 -4.51 -12.71 -12.31
N THR A 517 -4.78 -11.44 -12.00
CA THR A 517 -5.97 -10.75 -12.46
C THR A 517 -5.58 -9.64 -13.41
N ILE A 518 -6.08 -9.71 -14.64
CA ILE A 518 -5.78 -8.72 -15.67
C ILE A 518 -7.00 -7.86 -15.93
N ASP A 519 -6.94 -6.60 -15.54
CA ASP A 519 -8.08 -5.70 -15.64
C ASP A 519 -7.90 -4.72 -16.78
N GLY A 520 -9.00 -4.31 -17.40
CA GLY A 520 -8.93 -3.36 -18.49
C GLY A 520 -10.22 -3.21 -19.26
N ARG A 521 -10.11 -3.05 -20.58
CA ARG A 521 -11.25 -2.88 -21.47
C ARG A 521 -10.97 -3.59 -22.79
N GLY A 522 -12.04 -3.94 -23.50
CA GLY A 522 -11.94 -4.45 -24.86
C GLY A 522 -11.37 -5.84 -25.01
N PHE A 523 -11.43 -6.64 -23.94
CA PHE A 523 -10.94 -8.03 -24.03
C PHE A 523 -11.91 -8.89 -24.85
N GLY A 524 -13.16 -8.47 -24.96
CA GLY A 524 -14.17 -9.25 -25.65
C GLY A 524 -14.75 -10.34 -24.75
N GLY A 525 -15.79 -10.99 -25.23
CA GLY A 525 -16.51 -11.97 -24.41
C GLY A 525 -15.97 -13.39 -24.50
N THR A 526 -15.34 -13.74 -25.61
CA THR A 526 -14.85 -15.11 -25.78
C THR A 526 -13.35 -15.18 -25.51
N ALA A 527 -12.94 -16.26 -24.84
CA ALA A 527 -11.56 -16.42 -24.41
C ALA A 527 -10.57 -16.31 -25.56
N GLY A 528 -9.56 -15.47 -25.38
CA GLY A 528 -8.49 -15.35 -26.35
C GLY A 528 -7.20 -15.94 -25.81
N THR A 529 -6.13 -15.15 -25.89
CA THR A 529 -4.81 -15.61 -25.46
C THR A 529 -4.18 -14.65 -24.45
N VAL A 530 -3.43 -15.18 -23.50
CA VAL A 530 -2.62 -14.36 -22.62
C VAL A 530 -1.14 -14.65 -22.88
N TYR A 531 -0.30 -13.62 -22.79
CA TYR A 531 1.13 -13.79 -23.01
C TYR A 531 1.95 -13.29 -21.82
N PHE A 532 2.92 -14.10 -21.41
CA PHE A 532 3.99 -13.65 -20.52
C PHE A 532 5.25 -13.59 -21.38
N GLY A 533 5.67 -12.37 -21.74
CA GLY A 533 6.69 -12.21 -22.76
C GLY A 533 6.11 -12.73 -24.07
N THR A 534 6.72 -13.77 -24.63
CA THR A 534 6.21 -14.41 -25.83
C THR A 534 5.58 -15.77 -25.52
N THR A 535 5.58 -16.14 -24.25
CA THR A 535 5.04 -17.43 -23.84
C THR A 535 3.52 -17.38 -23.76
N VAL A 536 2.89 -18.31 -24.47
CA VAL A 536 1.44 -18.34 -24.64
C VAL A 536 0.72 -18.98 -23.45
N VAL A 537 -0.39 -18.39 -23.04
CA VAL A 537 -1.27 -18.99 -22.04
C VAL A 537 -2.64 -19.15 -22.65
N THR A 538 -3.08 -20.39 -22.86
CA THR A 538 -4.37 -20.61 -23.48
C THR A 538 -5.12 -21.76 -22.83
N GLY A 539 -6.38 -21.91 -23.20
CA GLY A 539 -7.22 -22.99 -22.71
C GLY A 539 -7.31 -23.08 -21.21
N SER A 540 -6.78 -24.17 -20.67
CA SER A 540 -6.85 -24.42 -19.22
C SER A 540 -6.08 -23.38 -18.42
N GLY A 541 -5.12 -22.72 -19.06
CA GLY A 541 -4.38 -21.65 -18.42
C GLY A 541 -5.23 -20.41 -18.19
N ILE A 542 -6.33 -20.30 -18.92
CA ILE A 542 -7.27 -19.21 -18.72
C ILE A 542 -8.33 -19.61 -17.69
N VAL A 543 -8.31 -18.98 -16.54
CA VAL A 543 -9.28 -19.31 -15.49
C VAL A 543 -10.64 -18.74 -15.87
N SER A 544 -10.65 -17.50 -16.34
CA SER A 544 -11.87 -16.85 -16.78
C SER A 544 -11.54 -15.68 -17.68
N TRP A 545 -12.52 -15.27 -18.49
CA TRP A 545 -12.32 -14.25 -19.49
C TRP A 545 -13.62 -13.51 -19.72
N GLU A 546 -13.64 -12.22 -19.42
CA GLU A 546 -14.70 -11.34 -19.90
C GLU A 546 -14.08 -10.00 -20.28
N ASP A 547 -14.91 -9.08 -20.81
CA ASP A 547 -14.40 -7.92 -21.52
C ASP A 547 -13.51 -6.99 -20.70
N THR A 548 -13.69 -6.95 -19.39
CA THR A 548 -12.91 -6.04 -18.56
C THR A 548 -11.96 -6.75 -17.61
N GLN A 549 -12.02 -8.08 -17.56
CA GLN A 549 -11.15 -8.81 -16.64
C GLN A 549 -10.86 -10.22 -17.13
N ILE A 550 -9.59 -10.60 -17.05
CA ILE A 550 -9.15 -11.95 -17.34
C ILE A 550 -8.42 -12.48 -16.11
N LYS A 551 -8.69 -13.73 -15.74
CA LYS A 551 -7.88 -14.38 -14.73
C LYS A 551 -7.10 -15.51 -15.38
N ALA A 552 -5.79 -15.53 -15.14
CA ALA A 552 -4.91 -16.47 -15.83
C ALA A 552 -3.92 -17.13 -14.88
N VAL A 553 -3.53 -18.35 -15.21
CA VAL A 553 -2.50 -19.06 -14.45
C VAL A 553 -1.11 -18.68 -14.98
N ILE A 554 -0.20 -18.32 -14.08
CA ILE A 554 1.16 -18.00 -14.49
C ILE A 554 1.82 -19.25 -15.07
N PRO A 555 2.27 -19.18 -16.34
CA PRO A 555 2.85 -20.35 -17.02
C PRO A 555 4.27 -20.63 -16.54
N LYS A 556 4.78 -21.82 -16.87
CA LYS A 556 6.17 -22.13 -16.58
C LYS A 556 7.09 -21.41 -17.56
N VAL A 557 7.43 -20.18 -17.21
CA VAL A 557 8.28 -19.33 -18.03
C VAL A 557 9.55 -19.06 -17.22
N ALA A 558 10.62 -18.60 -17.86
CA ALA A 558 11.83 -18.27 -17.14
C ALA A 558 11.57 -17.16 -16.12
N ALA A 559 12.18 -17.26 -14.95
CA ALA A 559 11.96 -16.29 -13.89
C ALA A 559 12.58 -14.94 -14.23
N GLY A 560 12.00 -13.87 -13.68
CA GLY A 560 12.47 -12.54 -13.97
C GLY A 560 11.35 -11.61 -14.39
N LYS A 561 11.67 -10.35 -14.61
CA LYS A 561 10.69 -9.36 -15.07
C LYS A 561 10.30 -9.66 -16.51
N THR A 562 9.01 -9.57 -16.80
CA THR A 562 8.54 -9.77 -18.16
C THR A 562 7.26 -8.98 -18.37
N GLY A 563 6.90 -8.80 -19.64
CA GLY A 563 5.69 -8.07 -19.96
C GLY A 563 4.50 -9.00 -20.09
N VAL A 564 3.35 -8.54 -19.62
CA VAL A 564 2.13 -9.31 -19.76
C VAL A 564 1.25 -8.65 -20.80
N SER A 565 0.82 -9.42 -21.79
CA SER A 565 -0.06 -8.89 -22.83
C SER A 565 -1.15 -9.88 -23.17
N VAL A 566 -2.16 -9.43 -23.90
CA VAL A 566 -3.24 -10.27 -24.35
C VAL A 566 -3.56 -10.13 -25.82
N LYS A 567 -4.27 -11.13 -26.28
CA LYS A 567 -4.77 -11.13 -27.64
C LYS A 567 -6.21 -11.65 -27.66
N THR A 568 -7.14 -10.89 -28.21
CA THR A 568 -8.55 -11.26 -28.21
C THR A 568 -8.83 -12.50 -29.07
N SER A 569 -10.05 -12.98 -29.08
CA SER A 569 -10.36 -14.11 -29.89
C SER A 569 -10.23 -13.84 -31.36
N SER A 570 -10.42 -12.61 -31.78
CA SER A 570 -10.25 -12.28 -33.19
C SER A 570 -8.81 -11.89 -33.53
N GLY A 571 -7.89 -12.12 -32.59
CA GLY A 571 -6.48 -11.93 -32.85
C GLY A 571 -5.92 -10.53 -32.68
N THR A 572 -6.70 -9.63 -32.08
CA THR A 572 -6.24 -8.25 -31.89
C THR A 572 -5.32 -8.13 -30.68
N ALA A 573 -4.17 -7.48 -30.86
CA ALA A 573 -3.16 -7.37 -29.80
C ALA A 573 -3.42 -6.19 -28.88
N SER A 574 -2.91 -6.30 -27.66
CA SER A 574 -3.11 -5.27 -26.65
C SER A 574 -1.82 -4.52 -26.33
N ASN A 575 -1.91 -3.59 -25.40
CA ASN A 575 -0.71 -2.98 -24.83
C ASN A 575 -0.08 -3.96 -23.83
N THR A 576 0.99 -3.53 -23.18
CA THR A 576 1.69 -4.42 -22.26
C THR A 576 1.69 -3.87 -20.85
N PHE A 577 1.47 -4.77 -19.89
CA PHE A 577 1.75 -4.48 -18.49
C PHE A 577 3.20 -4.86 -18.26
N LYS A 578 4.03 -3.87 -17.99
CA LYS A 578 5.46 -4.17 -17.91
C LYS A 578 5.91 -4.53 -16.52
N SER A 579 7.00 -5.28 -16.46
CA SER A 579 7.75 -5.49 -15.23
C SER A 579 7.01 -6.36 -14.21
N PHE A 580 6.21 -7.31 -14.70
CA PHE A 580 5.67 -8.36 -13.86
C PHE A 580 6.82 -9.28 -13.44
N ASN A 581 6.92 -9.56 -12.14
CA ASN A 581 8.04 -10.35 -11.64
C ASN A 581 7.69 -11.82 -11.45
N VAL A 582 8.06 -12.64 -12.42
CA VAL A 582 7.86 -14.07 -12.33
C VAL A 582 8.90 -14.71 -11.43
N LEU A 583 8.45 -15.36 -10.36
CA LEU A 583 9.35 -16.02 -9.43
C LEU A 583 9.71 -17.43 -9.92
N THR A 584 10.77 -18.01 -9.35
CA THR A 584 11.21 -19.34 -9.79
C THR A 584 10.26 -20.41 -9.29
N GLY A 585 9.66 -20.18 -8.13
CA GLY A 585 8.79 -21.14 -7.50
C GLY A 585 8.37 -20.62 -6.14
N ASP A 586 7.73 -21.45 -5.33
CA ASP A 586 7.43 -21.08 -3.95
C ASP A 586 8.69 -20.60 -3.25
N GLN A 587 8.55 -19.61 -2.37
CA GLN A 587 9.69 -18.99 -1.71
C GLN A 587 9.91 -19.45 -0.29
N VAL A 588 11.16 -19.41 0.16
CA VAL A 588 11.49 -19.39 1.59
C VAL A 588 12.38 -18.18 1.84
N THR A 589 12.53 -17.79 3.11
CA THR A 589 13.48 -16.74 3.46
C THR A 589 14.78 -17.33 3.97
N MET A 590 15.88 -16.98 3.32
CA MET A 590 17.18 -17.51 3.70
C MET A 590 18.08 -16.41 4.22
N ARG A 591 18.62 -16.60 5.42
CA ARG A 591 19.64 -15.71 5.91
C ARG A 591 20.98 -16.14 5.32
N PHE A 592 21.60 -15.24 4.55
CA PHE A 592 22.95 -15.45 4.04
C PHE A 592 23.95 -14.77 4.94
N LEU A 593 24.98 -15.50 5.35
CA LEU A 593 26.08 -14.95 6.12
C LEU A 593 27.39 -15.22 5.41
N VAL A 594 28.24 -14.21 5.29
CA VAL A 594 29.57 -14.41 4.77
C VAL A 594 30.58 -13.87 5.78
N ASN A 595 31.59 -14.68 6.08
CA ASN A 595 32.61 -14.31 7.05
C ASN A 595 33.90 -13.83 6.38
N GLN A 596 34.70 -13.09 7.15
CA GLN A 596 36.02 -12.64 6.72
C GLN A 596 36.00 -11.87 5.40
N ALA A 597 34.95 -11.09 5.19
CA ALA A 597 34.84 -10.26 4.00
C ALA A 597 35.21 -8.82 4.34
N ASN A 598 36.51 -8.57 4.54
CA ASN A 598 36.99 -7.24 4.88
C ASN A 598 36.94 -6.31 3.68
N THR A 599 36.61 -5.05 3.91
CA THR A 599 36.57 -4.05 2.85
C THR A 599 37.10 -2.71 3.33
N ASN A 600 37.46 -1.86 2.37
CA ASN A 600 37.82 -0.48 2.69
C ASN A 600 36.57 0.37 2.86
N TYR A 601 36.72 1.48 3.56
CA TYR A 601 35.65 2.47 3.68
C TYR A 601 35.15 2.82 2.28
N GLY A 602 33.83 2.87 2.12
CA GLY A 602 33.22 3.14 0.82
C GLY A 602 32.95 1.90 0.00
N THR A 603 33.43 0.74 0.46
CA THR A 603 33.15 -0.51 -0.26
C THR A 603 32.29 -1.42 0.61
N ASN A 604 31.27 -2.02 -0.01
CA ASN A 604 30.36 -2.92 0.67
C ASN A 604 30.27 -4.28 0.00
N VAL A 605 29.84 -5.27 0.78
CA VAL A 605 29.64 -6.61 0.26
C VAL A 605 28.20 -6.80 -0.20
N TYR A 606 28.04 -7.50 -1.32
CA TYR A 606 26.75 -7.79 -1.91
C TYR A 606 26.68 -9.27 -2.20
N LEU A 607 25.46 -9.78 -2.40
CA LEU A 607 25.23 -11.17 -2.76
C LEU A 607 24.69 -11.30 -4.18
N VAL A 608 25.25 -12.21 -4.98
CA VAL A 608 24.76 -12.52 -6.33
C VAL A 608 24.75 -14.01 -6.59
N GLY A 609 23.86 -14.45 -7.47
CA GLY A 609 23.72 -15.88 -7.73
C GLY A 609 22.97 -16.16 -9.00
N ASN A 610 22.80 -17.44 -9.33
CA ASN A 610 22.28 -17.79 -10.64
C ASN A 610 20.76 -17.64 -10.71
N ALA A 611 20.07 -17.81 -9.59
CA ALA A 611 18.62 -17.62 -9.56
C ALA A 611 18.23 -16.17 -9.78
N ALA A 612 17.05 -15.96 -10.36
CA ALA A 612 16.54 -14.61 -10.58
C ALA A 612 16.39 -13.85 -9.28
N GLU A 613 16.01 -14.59 -8.23
CA GLU A 613 15.85 -14.00 -6.91
C GLU A 613 17.18 -13.54 -6.34
N LEU A 614 18.28 -14.03 -6.93
CA LEU A 614 19.62 -13.62 -6.52
C LEU A 614 20.28 -12.74 -7.56
N GLY A 615 19.47 -12.19 -8.47
CA GLY A 615 19.95 -11.19 -9.41
C GLY A 615 20.55 -11.76 -10.69
N SER A 616 20.54 -13.08 -10.82
CA SER A 616 21.00 -13.75 -12.04
C SER A 616 22.38 -13.28 -12.48
N TRP A 617 23.33 -13.27 -11.55
CA TRP A 617 24.72 -12.90 -11.82
C TRP A 617 24.93 -11.44 -12.24
N ASP A 618 23.89 -10.63 -12.13
CA ASP A 618 24.01 -9.22 -12.51
C ASP A 618 24.51 -8.42 -11.32
N PRO A 619 25.77 -7.94 -11.38
CA PRO A 619 26.35 -7.23 -10.24
C PRO A 619 25.59 -5.95 -9.92
N ASN A 620 24.91 -5.40 -10.91
CA ASN A 620 24.08 -4.21 -10.71
C ASN A 620 22.78 -4.54 -9.98
N LYS A 621 22.36 -5.81 -10.04
CA LYS A 621 21.23 -6.29 -9.26
C LYS A 621 21.68 -7.09 -8.04
N ALA A 622 22.95 -6.98 -7.68
CA ALA A 622 23.46 -7.63 -6.48
C ALA A 622 22.63 -7.25 -5.26
N ILE A 623 22.40 -8.19 -4.38
CA ILE A 623 21.65 -7.97 -3.18
C ILE A 623 22.51 -7.30 -2.12
N GLY A 624 22.07 -6.15 -1.67
CA GLY A 624 22.86 -5.39 -0.72
C GLY A 624 22.77 -3.89 -0.95
N PRO A 625 23.63 -3.08 -0.30
CA PRO A 625 24.73 -3.39 0.61
C PRO A 625 24.30 -4.27 1.78
N MET A 626 25.02 -5.34 2.05
CA MET A 626 24.64 -6.25 3.12
C MET A 626 24.87 -5.61 4.49
N TYR A 627 24.31 -6.23 5.53
CA TYR A 627 24.38 -5.69 6.87
C TYR A 627 25.55 -6.30 7.65
N ASN A 628 26.10 -5.58 8.62
CA ASN A 628 27.25 -6.08 9.36
C ASN A 628 27.40 -5.52 10.78
N GLN A 629 26.30 -5.16 11.42
CA GLN A 629 26.34 -4.62 12.76
C GLN A 629 25.57 -5.37 13.82
N VAL A 630 24.37 -5.81 13.51
CA VAL A 630 23.48 -6.34 14.53
C VAL A 630 23.50 -7.87 14.63
N ILE A 631 22.89 -8.55 13.67
CA ILE A 631 22.82 -10.01 13.70
C ILE A 631 24.22 -10.62 13.67
N ALA A 632 25.12 -10.01 12.89
CA ALA A 632 26.50 -10.44 12.82
C ALA A 632 27.39 -9.22 12.63
N LYS A 633 28.66 -9.32 13.01
CA LYS A 633 29.55 -8.16 13.07
C LYS A 633 30.63 -8.21 12.00
N TYR A 634 30.87 -7.06 11.38
CA TYR A 634 31.99 -6.91 10.46
C TYR A 634 33.25 -7.51 11.08
N PRO A 635 34.05 -8.26 10.29
CA PRO A 635 34.00 -8.45 8.85
C PRO A 635 33.03 -9.54 8.37
N SER A 636 32.10 -9.94 9.22
CA SER A 636 31.00 -10.79 8.77
C SER A 636 29.90 -9.88 8.21
N TRP A 637 29.22 -10.33 7.16
CA TRP A 637 28.07 -9.60 6.62
C TRP A 637 26.89 -10.55 6.45
N TYR A 638 25.68 -10.00 6.46
CA TYR A 638 24.46 -10.81 6.37
C TYR A 638 23.30 -10.08 5.67
N TYR A 639 22.31 -10.85 5.25
CA TYR A 639 21.09 -10.32 4.63
C TYR A 639 20.04 -11.43 4.59
N ASP A 640 18.78 -11.08 4.75
CA ASP A 640 17.70 -12.05 4.68
C ASP A 640 17.02 -11.96 3.30
N VAL A 641 17.03 -13.05 2.55
CA VAL A 641 16.64 -13.00 1.14
C VAL A 641 15.55 -14.01 0.76
N SER A 642 14.57 -13.56 -0.01
CA SER A 642 13.55 -14.47 -0.55
C SER A 642 14.13 -15.28 -1.70
N VAL A 643 14.14 -16.60 -1.55
CA VAL A 643 14.69 -17.49 -2.58
C VAL A 643 13.77 -18.68 -2.81
N PRO A 644 13.86 -19.31 -3.99
CA PRO A 644 13.01 -20.48 -4.25
C PRO A 644 13.25 -21.64 -3.29
N ALA A 645 12.16 -22.25 -2.82
CA ALA A 645 12.25 -23.41 -1.93
C ALA A 645 12.75 -24.63 -2.67
N GLY A 646 13.34 -25.56 -1.92
CA GLY A 646 13.80 -26.83 -2.45
C GLY A 646 14.68 -26.71 -3.66
N THR A 647 15.51 -25.68 -3.70
CA THR A 647 16.27 -25.36 -4.90
C THR A 647 17.76 -25.20 -4.61
N LYS A 648 18.57 -25.82 -5.46
CA LYS A 648 20.02 -25.66 -5.37
C LYS A 648 20.43 -24.30 -5.90
N LEU A 649 21.05 -23.49 -5.05
CA LEU A 649 21.51 -22.17 -5.43
C LEU A 649 23.01 -22.16 -5.67
N ASP A 650 23.43 -21.47 -6.73
CA ASP A 650 24.84 -21.12 -6.92
C ASP A 650 24.99 -19.63 -6.63
N PHE A 651 25.95 -19.27 -5.80
CA PHE A 651 26.11 -17.86 -5.47
C PHE A 651 27.54 -17.49 -5.10
N LYS A 652 27.83 -16.21 -5.26
CA LYS A 652 29.10 -15.63 -4.83
C LYS A 652 28.83 -14.30 -4.18
N PHE A 653 29.78 -13.84 -3.39
CA PHE A 653 29.72 -12.49 -2.85
C PHE A 653 30.66 -11.62 -3.65
N ILE A 654 30.34 -10.33 -3.72
CA ILE A 654 31.18 -9.36 -4.42
C ILE A 654 31.37 -8.14 -3.52
N LYS A 655 32.46 -7.42 -3.75
CA LYS A 655 32.67 -6.14 -3.09
C LYS A 655 32.53 -5.03 -4.13
N LYS A 656 31.62 -4.10 -3.88
CA LYS A 656 31.41 -2.98 -4.78
C LYS A 656 31.70 -1.67 -4.07
N GLY A 657 32.51 -0.84 -4.72
CA GLY A 657 32.86 0.47 -4.19
C GLY A 657 33.62 1.30 -5.20
N GLY A 658 33.15 2.52 -5.42
CA GLY A 658 33.83 3.47 -6.28
C GLY A 658 33.91 3.05 -7.74
N GLY A 659 32.89 2.34 -8.21
CA GLY A 659 32.82 1.95 -9.61
C GLY A 659 33.63 0.71 -9.95
N THR A 660 34.23 0.08 -8.95
CA THR A 660 34.97 -1.15 -9.18
C THR A 660 34.30 -2.32 -8.46
N VAL A 661 34.28 -3.48 -9.12
CA VAL A 661 33.62 -4.66 -8.58
C VAL A 661 34.60 -5.81 -8.45
N THR A 662 34.79 -6.29 -7.22
CA THR A 662 35.66 -7.43 -6.97
C THR A 662 34.82 -8.65 -6.62
N TRP A 663 35.01 -9.74 -7.37
CA TRP A 663 34.28 -10.98 -7.13
C TRP A 663 35.09 -11.92 -6.23
N GLU A 664 34.38 -12.71 -5.43
CA GLU A 664 34.98 -13.85 -4.75
C GLU A 664 35.75 -14.78 -5.70
N GLY A 665 36.86 -15.33 -5.23
CA GLY A 665 37.62 -16.29 -6.00
C GLY A 665 37.08 -17.70 -5.81
N GLY A 666 37.75 -18.67 -6.42
CA GLY A 666 37.34 -20.06 -6.31
C GLY A 666 36.01 -20.36 -7.02
N GLY A 667 35.41 -21.50 -6.67
CA GLY A 667 34.16 -21.89 -7.27
C GLY A 667 32.98 -21.24 -6.57
N ASN A 668 31.80 -21.38 -7.14
CA ASN A 668 30.60 -20.83 -6.52
C ASN A 668 30.33 -21.48 -5.17
N HIS A 669 29.78 -20.73 -4.24
CA HIS A 669 29.17 -21.34 -3.07
C HIS A 669 27.92 -22.05 -3.57
N THR A 670 27.61 -23.21 -3.03
CA THR A 670 26.38 -23.88 -3.36
C THR A 670 25.58 -24.24 -2.13
N TYR A 671 24.27 -24.22 -2.27
CA TYR A 671 23.36 -24.53 -1.19
C TYR A 671 21.96 -24.89 -1.67
N THR A 672 21.41 -25.97 -1.14
CA THR A 672 20.04 -26.37 -1.44
C THR A 672 19.08 -25.91 -0.35
N THR A 673 18.10 -25.10 -0.73
CA THR A 673 17.20 -24.46 0.22
C THR A 673 16.16 -25.43 0.81
N PRO A 674 15.70 -25.16 2.05
CA PRO A 674 14.63 -25.97 2.64
C PRO A 674 13.38 -26.02 1.76
N ALA A 675 12.55 -27.04 1.95
CA ALA A 675 11.36 -27.20 1.14
C ALA A 675 10.27 -26.24 1.55
N SER A 676 10.25 -25.84 2.82
CA SER A 676 9.18 -24.98 3.30
C SER A 676 9.62 -24.00 4.39
N SER A 677 10.67 -24.36 5.11
CA SER A 677 11.13 -23.57 6.25
C SER A 677 12.06 -22.43 5.85
N VAL A 678 12.07 -21.37 6.66
CA VAL A 678 13.13 -20.38 6.53
C VAL A 678 14.42 -21.05 6.97
N GLY A 679 15.56 -20.47 6.62
CA GLY A 679 16.82 -21.06 7.00
C GLY A 679 17.98 -20.09 7.04
N THR A 680 19.16 -20.63 7.31
CA THR A 680 20.37 -19.85 7.41
C THR A 680 21.46 -20.58 6.64
N VAL A 681 22.26 -19.85 5.87
CA VAL A 681 23.45 -20.45 5.27
C VAL A 681 24.65 -19.56 5.55
N THR A 682 25.72 -20.19 6.02
CA THR A 682 26.90 -19.48 6.47
C THR A 682 28.13 -19.96 5.73
N VAL A 683 28.80 -19.04 5.04
CA VAL A 683 30.01 -19.39 4.30
C VAL A 683 31.16 -18.44 4.59
N ASP A 684 32.33 -18.78 4.08
CA ASP A 684 33.55 -18.00 4.26
C ASP A 684 33.93 -17.30 2.96
N TRP A 685 34.30 -16.02 3.04
CA TRP A 685 34.75 -15.30 1.85
C TRP A 685 35.91 -16.05 1.20
N GLN A 686 35.78 -16.36 -0.09
CA GLN A 686 36.83 -17.08 -0.81
C GLN A 686 37.77 -16.11 -1.52
N ASN A 687 39.03 -16.11 -1.09
CA ASN A 687 40.03 -15.19 -1.63
C ASN A 687 40.40 -15.47 -3.08
CA CA B . -17.88 -0.10 21.67
CA CA C . 11.82 -5.77 13.29
#